data_7Z7L
# 
_entry.id   7Z7L 
# 
_audit_conform.dict_name       mmcif_pdbx.dic 
_audit_conform.dict_version    5.385 
_audit_conform.dict_location   http://mmcif.pdb.org/dictionaries/ascii/mmcif_pdbx.dic 
# 
loop_
_database_2.database_id 
_database_2.database_code 
_database_2.pdbx_database_accession 
_database_2.pdbx_DOI 
PDB   7Z7L         pdb_00007z7l 10.2210/pdb7z7l/pdb 
WWPDB D_1292120569 ?            ?                   
# 
loop_
_pdbx_audit_revision_history.ordinal 
_pdbx_audit_revision_history.data_content_type 
_pdbx_audit_revision_history.major_revision 
_pdbx_audit_revision_history.minor_revision 
_pdbx_audit_revision_history.revision_date 
1 'Structure model' 1 0 2023-03-29 
2 'Structure model' 1 1 2023-10-11 
3 'Structure model' 1 2 2024-02-07 
# 
_pdbx_audit_revision_details.ordinal             1 
_pdbx_audit_revision_details.revision_ordinal    1 
_pdbx_audit_revision_details.data_content_type   'Structure model' 
_pdbx_audit_revision_details.provider            repository 
_pdbx_audit_revision_details.type                'Initial release' 
_pdbx_audit_revision_details.description         ? 
_pdbx_audit_revision_details.details             ? 
# 
loop_
_pdbx_audit_revision_group.ordinal 
_pdbx_audit_revision_group.revision_ordinal 
_pdbx_audit_revision_group.data_content_type 
_pdbx_audit_revision_group.group 
1 2 'Structure model' 'Data collection'        
2 2 'Structure model' 'Database references'    
3 3 'Structure model' 'Refinement description' 
# 
loop_
_pdbx_audit_revision_category.ordinal 
_pdbx_audit_revision_category.revision_ordinal 
_pdbx_audit_revision_category.data_content_type 
_pdbx_audit_revision_category.category 
1 2 'Structure model' chem_comp_atom                
2 2 'Structure model' chem_comp_bond                
3 2 'Structure model' citation                      
4 2 'Structure model' citation_author               
5 3 'Structure model' pdbx_initial_refinement_model 
# 
loop_
_pdbx_audit_revision_item.ordinal 
_pdbx_audit_revision_item.revision_ordinal 
_pdbx_audit_revision_item.data_content_type 
_pdbx_audit_revision_item.item 
1  2 'Structure model' '_citation.journal_abbrev'          
2  2 'Structure model' '_citation.journal_id_CSD'          
3  2 'Structure model' '_citation.journal_id_ISSN'         
4  2 'Structure model' '_citation.journal_volume'          
5  2 'Structure model' '_citation.page_first'              
6  2 'Structure model' '_citation.page_last'               
7  2 'Structure model' '_citation.pdbx_database_id_DOI'    
8  2 'Structure model' '_citation.pdbx_database_id_PubMed' 
9  2 'Structure model' '_citation.title'                   
10 2 'Structure model' '_citation.year'                    
# 
_pdbx_database_status.status_code                     REL 
_pdbx_database_status.status_code_sf                  REL 
_pdbx_database_status.status_code_mr                  ? 
_pdbx_database_status.entry_id                        7Z7L 
_pdbx_database_status.recvd_initial_deposition_date   2022-03-16 
_pdbx_database_status.SG_entry                        N 
_pdbx_database_status.deposit_site                    PDBE 
_pdbx_database_status.process_site                    PDBE 
_pdbx_database_status.status_code_cs                  ? 
_pdbx_database_status.status_code_nmr_data            ? 
_pdbx_database_status.methods_development_category    ? 
_pdbx_database_status.pdb_format_compatible           Y 
# 
_pdbx_contact_author.id                 2 
_pdbx_contact_author.email              bohdan@ibt.cas.cz 
_pdbx_contact_author.name_first         Bohdan 
_pdbx_contact_author.name_last          Schneider 
_pdbx_contact_author.name_mi            ? 
_pdbx_contact_author.role               'principal investigator/group leader' 
_pdbx_contact_author.identifier_ORCID   0000-0001-7855-3690 
# 
loop_
_audit_author.name 
_audit_author.pdbx_ordinal 
_audit_author.identifier_ORCID 
'Svoboda, J.'   1 0000-0003-3056-2357 
'Schneider, B.' 2 0000-0001-7855-3690 
'Berdar, D.'    3 ?                   
'Kolenko, P.'   4 0000-0002-4619-9276 
# 
_citation.abstract                  ? 
_citation.abstract_id_CAS           ? 
_citation.book_id_ISBN              ? 
_citation.book_publisher            ? 
_citation.book_publisher_city       ? 
_citation.book_title                ? 
_citation.coordinate_linkage        ? 
_citation.country                   ? 
_citation.database_id_Medline       ? 
_citation.details                   ? 
_citation.id                        primary 
_citation.journal_abbrev            'Acta Crystallogr D Struct Biol' 
_citation.journal_id_ASTM           ? 
_citation.journal_id_CSD            ? 
_citation.journal_id_ISSN           2059-7983 
_citation.journal_full              ? 
_citation.journal_issue             ? 
_citation.journal_volume            79 
_citation.language                  ? 
_citation.page_first                655 
_citation.page_last                 665 
_citation.title                     'Conformation-based refinement of 18-mer DNA structures.' 
_citation.year                      2023 
_citation.database_id_CSD           ? 
_citation.pdbx_database_id_DOI      10.1107/S2059798323004679 
_citation.pdbx_database_id_PubMed   37338420 
_citation.pdbx_database_id_patent   ? 
_citation.unpublished_flag          ? 
# 
loop_
_citation_author.citation_id 
_citation_author.name 
_citation_author.ordinal 
_citation_author.identifier_ORCID 
primary 'Svoboda, J.'   1 0000-0003-3056-2357 
primary 'Berdar, D.'    2 ?                   
primary 'Kolenko, P.'   3 0000-0002-4619-9276 
primary 'Cerny, J.'     4 0000-0002-1969-9304 
primary 'Novakova, Z.'  5 0000-0001-9804-6346 
primary 'Pavlicek, J.'  6 ?                   
primary 'Schneider, B.' 7 0000-0001-7855-3690 
# 
loop_
_entity.id 
_entity.type 
_entity.src_method 
_entity.pdbx_description 
_entity.formula_weight 
_entity.pdbx_number_of_molecules 
_entity.pdbx_ec 
_entity.pdbx_mutation 
_entity.pdbx_fragment 
_entity.details 
1 polymer     syn 'Chom18-AC DNA' 5503.543 1 ? ? ? ? 
2 non-polymer syn 'STRONTIUM ION' 87.620   1 ? ? ? ? 
# 
_entity_poly.entity_id                      1 
_entity_poly.type                           polydeoxyribonucleotide 
_entity_poly.nstd_linkage                   no 
_entity_poly.nstd_monomer                   no 
_entity_poly.pdbx_seq_one_letter_code       '(DG)(DG)(DT)(DG)(DG)(DG)(DG)(DC)(DA)(DC)(DG)(DC)(DC)(DC)(DC)(DA)(DC)(DC)' 
_entity_poly.pdbx_seq_one_letter_code_can   GGTGGGGCACGCCCCACC 
_entity_poly.pdbx_strand_id                 A 
_entity_poly.pdbx_target_identifier         ? 
# 
_pdbx_entity_nonpoly.entity_id   2 
_pdbx_entity_nonpoly.name        'STRONTIUM ION' 
_pdbx_entity_nonpoly.comp_id     SR 
# 
loop_
_entity_poly_seq.entity_id 
_entity_poly_seq.num 
_entity_poly_seq.mon_id 
_entity_poly_seq.hetero 
1 1  DG n 
1 2  DG n 
1 3  DT n 
1 4  DG n 
1 5  DG n 
1 6  DG n 
1 7  DG n 
1 8  DC n 
1 9  DA n 
1 10 DC n 
1 11 DG n 
1 12 DC n 
1 13 DC n 
1 14 DC n 
1 15 DC n 
1 16 DA n 
1 17 DC n 
1 18 DC n 
# 
_pdbx_entity_src_syn.entity_id              1 
_pdbx_entity_src_syn.pdbx_src_id            1 
_pdbx_entity_src_syn.pdbx_alt_source_flag   sample 
_pdbx_entity_src_syn.pdbx_beg_seq_num       1 
_pdbx_entity_src_syn.pdbx_end_seq_num       18 
_pdbx_entity_src_syn.organism_scientific    'Cardiobacterium hominis' 
_pdbx_entity_src_syn.organism_common_name   ? 
_pdbx_entity_src_syn.ncbi_taxonomy_id       2718 
_pdbx_entity_src_syn.details                ? 
# 
loop_
_chem_comp.id 
_chem_comp.type 
_chem_comp.mon_nstd_flag 
_chem_comp.name 
_chem_comp.pdbx_synonyms 
_chem_comp.formula 
_chem_comp.formula_weight 
DA 'DNA linking' y "2'-DEOXYADENOSINE-5'-MONOPHOSPHATE" ? 'C10 H14 N5 O6 P' 331.222 
DC 'DNA linking' y "2'-DEOXYCYTIDINE-5'-MONOPHOSPHATE"  ? 'C9 H14 N3 O7 P'  307.197 
DG 'DNA linking' y "2'-DEOXYGUANOSINE-5'-MONOPHOSPHATE" ? 'C10 H14 N5 O7 P' 347.221 
DT 'DNA linking' y "THYMIDINE-5'-MONOPHOSPHATE"         ? 'C10 H15 N2 O8 P' 322.208 
SR non-polymer   . 'STRONTIUM ION'                      ? 'Sr 2'            87.620  
# 
loop_
_pdbx_poly_seq_scheme.asym_id 
_pdbx_poly_seq_scheme.entity_id 
_pdbx_poly_seq_scheme.seq_id 
_pdbx_poly_seq_scheme.mon_id 
_pdbx_poly_seq_scheme.ndb_seq_num 
_pdbx_poly_seq_scheme.pdb_seq_num 
_pdbx_poly_seq_scheme.auth_seq_num 
_pdbx_poly_seq_scheme.pdb_mon_id 
_pdbx_poly_seq_scheme.auth_mon_id 
_pdbx_poly_seq_scheme.pdb_strand_id 
_pdbx_poly_seq_scheme.pdb_ins_code 
_pdbx_poly_seq_scheme.hetero 
A 1 1  DG 1  1  1  DG DG A . n 
A 1 2  DG 2  2  2  DG DG A . n 
A 1 3  DT 3  3  3  DT DT A . n 
A 1 4  DG 4  4  4  DG DG A . n 
A 1 5  DG 5  5  5  DG DG A . n 
A 1 6  DG 6  6  6  DG DG A . n 
A 1 7  DG 7  7  7  DG DG A . n 
A 1 8  DC 8  8  8  DC DC A . n 
A 1 9  DA 9  9  9  DA DA A . n 
A 1 10 DC 10 10 10 DC DC A . n 
A 1 11 DG 11 11 11 DG DG A . n 
A 1 12 DC 12 12 12 DC DC A . n 
A 1 13 DC 13 13 13 DC DC A . n 
A 1 14 DC 14 14 14 DC DC A . n 
A 1 15 DC 15 15 15 DC DC A . n 
A 1 16 DA 16 16 16 DA DA A . n 
A 1 17 DC 17 17 17 DC DC A . n 
A 1 18 DC 18 18 18 DC DC A . n 
# 
_pdbx_nonpoly_scheme.asym_id         B 
_pdbx_nonpoly_scheme.entity_id       2 
_pdbx_nonpoly_scheme.mon_id          SR 
_pdbx_nonpoly_scheme.ndb_seq_num     1 
_pdbx_nonpoly_scheme.pdb_seq_num     101 
_pdbx_nonpoly_scheme.auth_seq_num    102 
_pdbx_nonpoly_scheme.pdb_mon_id      SR 
_pdbx_nonpoly_scheme.auth_mon_id     SR 
_pdbx_nonpoly_scheme.pdb_strand_id   A 
_pdbx_nonpoly_scheme.pdb_ins_code    . 
# 
loop_
_software.citation_id 
_software.classification 
_software.compiler_name 
_software.compiler_version 
_software.contact_author 
_software.contact_author_email 
_software.date 
_software.description 
_software.dependencies 
_software.hardware 
_software.language 
_software.location 
_software.mods 
_software.name 
_software.os 
_software.os_version 
_software.type 
_software.version 
_software.pdbx_ordinal 
? refinement       ? ? ? ? ? ? ? ? ? ? ? PHENIX  ? ? ? 1.19.2_4158 1 
? 'data reduction' ? ? ? ? ? ? ? ? ? ? ? XDS     ? ? ? .           2 
? 'data scaling'   ? ? ? ? ? ? ? ? ? ? ? Aimless ? ? ? .           3 
? phasing          ? ? ? ? ? ? ? ? ? ? ? PHASER  ? ? ? .           4 
# 
_cell.angle_alpha                  90.000 
_cell.angle_alpha_esd              ? 
_cell.angle_beta                   90.000 
_cell.angle_beta_esd               ? 
_cell.angle_gamma                  90.000 
_cell.angle_gamma_esd              ? 
_cell.entry_id                     7Z7L 
_cell.details                      ? 
_cell.formula_units_Z              ? 
_cell.length_a                     37.760 
_cell.length_a_esd                 ? 
_cell.length_b                     37.760 
_cell.length_b_esd                 ? 
_cell.length_c                     85.110 
_cell.length_c_esd                 ? 
_cell.volume                       121351.336 
_cell.volume_esd                   ? 
_cell.Z_PDB                        8 
_cell.reciprocal_angle_alpha       ? 
_cell.reciprocal_angle_beta        ? 
_cell.reciprocal_angle_gamma       ? 
_cell.reciprocal_angle_alpha_esd   ? 
_cell.reciprocal_angle_beta_esd    ? 
_cell.reciprocal_angle_gamma_esd   ? 
_cell.reciprocal_length_a          ? 
_cell.reciprocal_length_b          ? 
_cell.reciprocal_length_c          ? 
_cell.reciprocal_length_a_esd      ? 
_cell.reciprocal_length_b_esd      ? 
_cell.reciprocal_length_c_esd      ? 
_cell.pdbx_unique_axis             ? 
# 
_symmetry.entry_id                         7Z7L 
_symmetry.cell_setting                     ? 
_symmetry.Int_Tables_number                96 
_symmetry.space_group_name_Hall            'P 4nw 2abw' 
_symmetry.space_group_name_H-M             'P 43 21 2' 
_symmetry.pdbx_full_space_group_name_H-M   ? 
# 
_exptl.absorpt_coefficient_mu     ? 
_exptl.absorpt_correction_T_max   ? 
_exptl.absorpt_correction_T_min   ? 
_exptl.absorpt_correction_type    ? 
_exptl.absorpt_process_details    ? 
_exptl.entry_id                   7Z7L 
_exptl.crystals_number            1 
_exptl.details                    ? 
_exptl.method                     'X-RAY DIFFRACTION' 
_exptl.method_details             ? 
# 
_exptl_crystal.colour                      ? 
_exptl_crystal.density_diffrn              ? 
_exptl_crystal.density_Matthews            2.76 
_exptl_crystal.density_method              ? 
_exptl_crystal.density_percent_sol         55.37 
_exptl_crystal.description                 ? 
_exptl_crystal.F_000                       ? 
_exptl_crystal.id                          1 
_exptl_crystal.preparation                 ? 
_exptl_crystal.size_max                    ? 
_exptl_crystal.size_mid                    ? 
_exptl_crystal.size_min                    ? 
_exptl_crystal.size_rad                    ? 
_exptl_crystal.colour_lustre               ? 
_exptl_crystal.colour_modifier             ? 
_exptl_crystal.colour_primary              ? 
_exptl_crystal.density_meas                ? 
_exptl_crystal.density_meas_esd            ? 
_exptl_crystal.density_meas_gt             ? 
_exptl_crystal.density_meas_lt             ? 
_exptl_crystal.density_meas_temp           ? 
_exptl_crystal.density_meas_temp_esd       ? 
_exptl_crystal.density_meas_temp_gt        ? 
_exptl_crystal.density_meas_temp_lt        ? 
_exptl_crystal.pdbx_crystal_image_url      ? 
_exptl_crystal.pdbx_crystal_image_format   ? 
_exptl_crystal.pdbx_mosaicity              ? 
_exptl_crystal.pdbx_mosaicity_esd          ? 
# 
_exptl_crystal_grow.apparatus       ? 
_exptl_crystal_grow.atmosphere      ? 
_exptl_crystal_grow.crystal_id      1 
_exptl_crystal_grow.details         ? 
_exptl_crystal_grow.method          'VAPOR DIFFUSION, HANGING DROP' 
_exptl_crystal_grow.method_ref      ? 
_exptl_crystal_grow.pH              6.5 
_exptl_crystal_grow.pressure        ? 
_exptl_crystal_grow.pressure_esd    ? 
_exptl_crystal_grow.seeding         ? 
_exptl_crystal_grow.seeding_ref     ? 
_exptl_crystal_grow.temp            293 
_exptl_crystal_grow.temp_details    ? 
_exptl_crystal_grow.temp_esd        ? 
_exptl_crystal_grow.time            ? 
_exptl_crystal_grow.pdbx_details    
;Natrix crystallization screen (Hampton Research)
precipitant 18-22% (+/-)-2-Methyl-2,4-pentanediol
buffer 0.04 M Sodium cacodylate trihydrate
salt 0.04 M Magnezium chloride hexahydrate
0.08 M Strontium chloride hexahydrate
additive 0.012 M spermine tetrahydrochloride
;
_exptl_crystal_grow.pdbx_pH_range   ? 
# 
_diffrn.ambient_environment              ? 
_diffrn.ambient_temp                     100 
_diffrn.ambient_temp_details             ? 
_diffrn.ambient_temp_esd                 ? 
_diffrn.crystal_id                       1 
_diffrn.crystal_support                  ? 
_diffrn.crystal_treatment                ? 
_diffrn.details                          ? 
_diffrn.id                               1 
_diffrn.ambient_pressure                 ? 
_diffrn.ambient_pressure_esd             ? 
_diffrn.ambient_pressure_gt              ? 
_diffrn.ambient_pressure_lt              ? 
_diffrn.ambient_temp_gt                  ? 
_diffrn.ambient_temp_lt                  ? 
_diffrn.pdbx_serial_crystal_experiment   N 
# 
_diffrn_detector.details                      ? 
_diffrn_detector.detector                     PIXEL 
_diffrn_detector.diffrn_id                    1 
_diffrn_detector.type                         'DECTRIS PILATUS 6M' 
_diffrn_detector.area_resol_mean              ? 
_diffrn_detector.dtime                        ? 
_diffrn_detector.pdbx_frames_total            ? 
_diffrn_detector.pdbx_collection_time_total   ? 
_diffrn_detector.pdbx_collection_date         2021-07-22 
_diffrn_detector.pdbx_frequency               ? 
# 
_diffrn_radiation.collimation                      ? 
_diffrn_radiation.diffrn_id                        1 
_diffrn_radiation.filter_edge                      ? 
_diffrn_radiation.inhomogeneity                    ? 
_diffrn_radiation.monochromator                    'Si (111)' 
_diffrn_radiation.polarisn_norm                    ? 
_diffrn_radiation.polarisn_ratio                   ? 
_diffrn_radiation.probe                            ? 
_diffrn_radiation.type                             ? 
_diffrn_radiation.xray_symbol                      ? 
_diffrn_radiation.wavelength_id                    1 
_diffrn_radiation.pdbx_monochromatic_or_laue_m_l   M 
_diffrn_radiation.pdbx_wavelength_list             ? 
_diffrn_radiation.pdbx_wavelength                  ? 
_diffrn_radiation.pdbx_diffrn_protocol             'SINGLE WAVELENGTH' 
_diffrn_radiation.pdbx_analyzer                    ? 
_diffrn_radiation.pdbx_scattering_type             x-ray 
# 
_diffrn_radiation_wavelength.id           1 
_diffrn_radiation_wavelength.wavelength   0.9184 
_diffrn_radiation_wavelength.wt           1.0 
# 
_diffrn_source.current                     ? 
_diffrn_source.details                     ? 
_diffrn_source.diffrn_id                   1 
_diffrn_source.power                       ? 
_diffrn_source.size                        ? 
_diffrn_source.source                      SYNCHROTRON 
_diffrn_source.target                      ? 
_diffrn_source.type                        'BESSY BEAMLINE 14.1' 
_diffrn_source.voltage                     ? 
_diffrn_source.take-off_angle              ? 
_diffrn_source.pdbx_wavelength_list        0.9184 
_diffrn_source.pdbx_wavelength             ? 
_diffrn_source.pdbx_synchrotron_beamline   14.1 
_diffrn_source.pdbx_synchrotron_site       BESSY 
# 
_reflns.B_iso_Wilson_estimate                          82.44 
_reflns.entry_id                                       7Z7L 
_reflns.data_reduction_details                         ? 
_reflns.data_reduction_method                          ? 
_reflns.d_resolution_high                              2.5 
_reflns.d_resolution_low                               37.76 
_reflns.details                                        ? 
_reflns.limit_h_max                                    ? 
_reflns.limit_h_min                                    ? 
_reflns.limit_k_max                                    ? 
_reflns.limit_k_min                                    ? 
_reflns.limit_l_max                                    ? 
_reflns.limit_l_min                                    ? 
_reflns.number_all                                     ? 
_reflns.number_obs                                     2423 
_reflns.observed_criterion                             ? 
_reflns.observed_criterion_F_max                       ? 
_reflns.observed_criterion_F_min                       ? 
_reflns.observed_criterion_I_max                       ? 
_reflns.observed_criterion_I_min                       ? 
_reflns.observed_criterion_sigma_F                     ? 
_reflns.observed_criterion_sigma_I                     ? 
_reflns.percent_possible_obs                           99.9 
_reflns.R_free_details                                 ? 
_reflns.Rmerge_F_all                                   ? 
_reflns.Rmerge_F_obs                                   ? 
_reflns.Friedel_coverage                               ? 
_reflns.number_gt                                      ? 
_reflns.threshold_expression                           ? 
_reflns.pdbx_redundancy                                23.4 
_reflns.pdbx_Rmerge_I_obs                              0.051 
_reflns.pdbx_Rmerge_I_all                              ? 
_reflns.pdbx_Rsym_value                                ? 
_reflns.pdbx_netI_over_av_sigmaI                       ? 
_reflns.pdbx_netI_over_sigmaI                          35.7 
_reflns.pdbx_res_netI_over_av_sigmaI_2                 ? 
_reflns.pdbx_res_netI_over_sigmaI_2                    ? 
_reflns.pdbx_chi_squared                               1.00 
_reflns.pdbx_scaling_rejects                           ? 
_reflns.pdbx_d_res_high_opt                            ? 
_reflns.pdbx_d_res_low_opt                             ? 
_reflns.pdbx_d_res_opt_method                          ? 
_reflns.phase_calculation_details                      ? 
_reflns.pdbx_Rrim_I_all                                0.052 
_reflns.pdbx_Rpim_I_all                                0.011 
_reflns.pdbx_d_opt                                     ? 
_reflns.pdbx_number_measured_all                       ? 
_reflns.pdbx_diffrn_id                                 1 
_reflns.pdbx_ordinal                                   1 
_reflns.pdbx_CC_half                                   0.997 
_reflns.pdbx_CC_star                                   ? 
_reflns.pdbx_R_split                                   ? 
_reflns.pdbx_aniso_diffraction_limit_axis_1_ortho[1]   ? 
_reflns.pdbx_aniso_diffraction_limit_axis_1_ortho[2]   ? 
_reflns.pdbx_aniso_diffraction_limit_axis_1_ortho[3]   ? 
_reflns.pdbx_aniso_diffraction_limit_axis_2_ortho[1]   ? 
_reflns.pdbx_aniso_diffraction_limit_axis_2_ortho[2]   ? 
_reflns.pdbx_aniso_diffraction_limit_axis_2_ortho[3]   ? 
_reflns.pdbx_aniso_diffraction_limit_axis_3_ortho[1]   ? 
_reflns.pdbx_aniso_diffraction_limit_axis_3_ortho[2]   ? 
_reflns.pdbx_aniso_diffraction_limit_axis_3_ortho[3]   ? 
_reflns.pdbx_aniso_diffraction_limit_1                 ? 
_reflns.pdbx_aniso_diffraction_limit_2                 ? 
_reflns.pdbx_aniso_diffraction_limit_3                 ? 
_reflns.pdbx_aniso_B_tensor_eigenvector_1_ortho[1]     ? 
_reflns.pdbx_aniso_B_tensor_eigenvector_1_ortho[2]     ? 
_reflns.pdbx_aniso_B_tensor_eigenvector_1_ortho[3]     ? 
_reflns.pdbx_aniso_B_tensor_eigenvector_2_ortho[1]     ? 
_reflns.pdbx_aniso_B_tensor_eigenvector_2_ortho[2]     ? 
_reflns.pdbx_aniso_B_tensor_eigenvector_2_ortho[3]     ? 
_reflns.pdbx_aniso_B_tensor_eigenvector_3_ortho[1]     ? 
_reflns.pdbx_aniso_B_tensor_eigenvector_3_ortho[2]     ? 
_reflns.pdbx_aniso_B_tensor_eigenvector_3_ortho[3]     ? 
_reflns.pdbx_aniso_B_tensor_eigenvalue_1               ? 
_reflns.pdbx_aniso_B_tensor_eigenvalue_2               ? 
_reflns.pdbx_aniso_B_tensor_eigenvalue_3               ? 
_reflns.pdbx_orthogonalization_convention              ? 
_reflns.pdbx_percent_possible_ellipsoidal              ? 
_reflns.pdbx_percent_possible_spherical                ? 
_reflns.pdbx_percent_possible_ellipsoidal_anomalous    ? 
_reflns.pdbx_percent_possible_spherical_anomalous      ? 
_reflns.pdbx_redundancy_anomalous                      ? 
_reflns.pdbx_CC_half_anomalous                         ? 
_reflns.pdbx_absDiff_over_sigma_anomalous              ? 
_reflns.pdbx_percent_possible_anomalous                ? 
_reflns.pdbx_observed_signal_threshold                 ? 
_reflns.pdbx_signal_type                               ? 
_reflns.pdbx_signal_details                            ? 
_reflns.pdbx_signal_software_id                        ? 
# 
_reflns_shell.d_res_high                                    2.50 
_reflns_shell.d_res_low                                     2.61 
_reflns_shell.meanI_over_sigI_all                           ? 
_reflns_shell.meanI_over_sigI_obs                           3.1 
_reflns_shell.number_measured_all                           ? 
_reflns_shell.number_measured_obs                           ? 
_reflns_shell.number_possible                               ? 
_reflns_shell.number_unique_all                             ? 
_reflns_shell.number_unique_obs                             268 
_reflns_shell.percent_possible_all                          99.8 
_reflns_shell.percent_possible_obs                          ? 
_reflns_shell.Rmerge_F_all                                  ? 
_reflns_shell.Rmerge_F_obs                                  ? 
_reflns_shell.Rmerge_I_all                                  ? 
_reflns_shell.Rmerge_I_obs                                  1.505 
_reflns_shell.meanI_over_sigI_gt                            ? 
_reflns_shell.meanI_over_uI_all                             ? 
_reflns_shell.meanI_over_uI_gt                              ? 
_reflns_shell.number_measured_gt                            ? 
_reflns_shell.number_unique_gt                              ? 
_reflns_shell.percent_possible_gt                           ? 
_reflns_shell.Rmerge_F_gt                                   ? 
_reflns_shell.Rmerge_I_gt                                   ? 
_reflns_shell.pdbx_redundancy                               26.0 
_reflns_shell.pdbx_Rsym_value                               ? 
_reflns_shell.pdbx_chi_squared                              ? 
_reflns_shell.pdbx_netI_over_sigmaI_all                     ? 
_reflns_shell.pdbx_netI_over_sigmaI_obs                     ? 
_reflns_shell.pdbx_Rrim_I_all                               1.534 
_reflns_shell.pdbx_Rpim_I_all                               0.295 
_reflns_shell.pdbx_rejects                                  ? 
_reflns_shell.pdbx_ordinal                                  1 
_reflns_shell.pdbx_diffrn_id                                1 
_reflns_shell.pdbx_CC_half                                  0.910 
_reflns_shell.pdbx_CC_star                                  ? 
_reflns_shell.pdbx_R_split                                  ? 
_reflns_shell.pdbx_percent_possible_ellipsoidal             ? 
_reflns_shell.pdbx_percent_possible_spherical               ? 
_reflns_shell.pdbx_percent_possible_ellipsoidal_anomalous   ? 
_reflns_shell.pdbx_percent_possible_spherical_anomalous     ? 
_reflns_shell.pdbx_redundancy_anomalous                     ? 
_reflns_shell.pdbx_CC_half_anomalous                        ? 
_reflns_shell.pdbx_absDiff_over_sigma_anomalous             ? 
_reflns_shell.pdbx_percent_possible_anomalous               ? 
# 
_refine.aniso_B[1][1]                            ? 
_refine.aniso_B[1][2]                            ? 
_refine.aniso_B[1][3]                            ? 
_refine.aniso_B[2][2]                            ? 
_refine.aniso_B[2][3]                            ? 
_refine.aniso_B[3][3]                            ? 
_refine.B_iso_max                                ? 
_refine.B_iso_mean                               86.65 
_refine.B_iso_min                                ? 
_refine.correlation_coeff_Fo_to_Fc               ? 
_refine.correlation_coeff_Fo_to_Fc_free          ? 
_refine.details                                  ? 
_refine.diff_density_max                         ? 
_refine.diff_density_max_esd                     ? 
_refine.diff_density_min                         ? 
_refine.diff_density_min_esd                     ? 
_refine.diff_density_rms                         ? 
_refine.diff_density_rms_esd                     ? 
_refine.entry_id                                 7Z7L 
_refine.pdbx_refine_id                           'X-RAY DIFFRACTION' 
_refine.ls_abs_structure_details                 ? 
_refine.ls_abs_structure_Flack                   ? 
_refine.ls_abs_structure_Flack_esd               ? 
_refine.ls_abs_structure_Rogers                  ? 
_refine.ls_abs_structure_Rogers_esd              ? 
_refine.ls_d_res_high                            2.50 
_refine.ls_d_res_low                             22.68 
_refine.ls_extinction_coef                       ? 
_refine.ls_extinction_coef_esd                   ? 
_refine.ls_extinction_expression                 ? 
_refine.ls_extinction_method                     ? 
_refine.ls_goodness_of_fit_all                   ? 
_refine.ls_goodness_of_fit_all_esd               ? 
_refine.ls_goodness_of_fit_obs                   ? 
_refine.ls_goodness_of_fit_obs_esd               ? 
_refine.ls_hydrogen_treatment                    ? 
_refine.ls_matrix_type                           ? 
_refine.ls_number_constraints                    ? 
_refine.ls_number_parameters                     ? 
_refine.ls_number_reflns_all                     ? 
_refine.ls_number_reflns_obs                     2396 
_refine.ls_number_reflns_R_free                  138 
_refine.ls_number_reflns_R_work                  0 
_refine.ls_number_restraints                     ? 
_refine.ls_percent_reflns_obs                    99.75 
_refine.ls_percent_reflns_R_free                 5.7 
_refine.ls_R_factor_all                          ? 
_refine.ls_R_factor_obs                          0.2429 
_refine.ls_R_factor_R_free                       0.3277 
_refine.ls_R_factor_R_free_error                 ? 
_refine.ls_R_factor_R_free_error_details         ? 
_refine.ls_R_factor_R_work                       0.2418 
_refine.ls_R_Fsqd_factor_obs                     ? 
_refine.ls_R_I_factor_obs                        ? 
_refine.ls_redundancy_reflns_all                 ? 
_refine.ls_redundancy_reflns_obs                 ? 
_refine.ls_restrained_S_all                      ? 
_refine.ls_restrained_S_obs                      ? 
_refine.ls_shift_over_esd_max                    ? 
_refine.ls_shift_over_esd_mean                   ? 
_refine.ls_structure_factor_coef                 ? 
_refine.ls_weighting_details                     ? 
_refine.ls_weighting_scheme                      ? 
_refine.ls_wR_factor_all                         ? 
_refine.ls_wR_factor_obs                         ? 
_refine.ls_wR_factor_R_free                      ? 
_refine.ls_wR_factor_R_work                      ? 
_refine.occupancy_max                            ? 
_refine.occupancy_min                            ? 
_refine.solvent_model_details                    'FLAT BULK SOLVENT MODEL' 
_refine.solvent_model_param_bsol                 ? 
_refine.solvent_model_param_ksol                 ? 
_refine.pdbx_R_complete                          ? 
_refine.ls_R_factor_gt                           ? 
_refine.ls_goodness_of_fit_gt                    ? 
_refine.ls_goodness_of_fit_ref                   ? 
_refine.ls_shift_over_su_max                     ? 
_refine.ls_shift_over_su_max_lt                  ? 
_refine.ls_shift_over_su_mean                    ? 
_refine.ls_shift_over_su_mean_lt                 ? 
_refine.pdbx_ls_sigma_I                          ? 
_refine.pdbx_ls_sigma_F                          ? 
_refine.pdbx_ls_sigma_Fsqd                       ? 
_refine.pdbx_data_cutoff_high_absF               ? 
_refine.pdbx_data_cutoff_high_rms_absF           ? 
_refine.pdbx_data_cutoff_low_absF                ? 
_refine.pdbx_isotropic_thermal_model             ? 
_refine.pdbx_ls_cross_valid_method               'FREE R-VALUE' 
_refine.pdbx_method_to_determine_struct          'MOLECULAR REPLACEMENT' 
_refine.pdbx_starting_model                      6ROS 
_refine.pdbx_stereochemistry_target_values       'GeoStd + Monomer Library + CDL v1.2' 
_refine.pdbx_R_Free_selection_details            Random 
_refine.pdbx_stereochem_target_val_spec_case     ? 
_refine.pdbx_overall_ESU_R                       ? 
_refine.pdbx_overall_ESU_R_Free                  ? 
_refine.pdbx_solvent_vdw_probe_radii             1.1100 
_refine.pdbx_solvent_ion_probe_radii             ? 
_refine.pdbx_solvent_shrinkage_radii             0.9000 
_refine.pdbx_real_space_R                        ? 
_refine.pdbx_density_correlation                 ? 
_refine.pdbx_pd_number_of_powder_patterns        ? 
_refine.pdbx_pd_number_of_points                 ? 
_refine.pdbx_pd_meas_number_of_points            ? 
_refine.pdbx_pd_proc_ls_prof_R_factor            ? 
_refine.pdbx_pd_proc_ls_prof_wR_factor           ? 
_refine.pdbx_pd_Marquardt_correlation_coeff      ? 
_refine.pdbx_pd_Fsqrd_R_factor                   ? 
_refine.pdbx_pd_ls_matrix_band_width             ? 
_refine.pdbx_overall_phase_error                 31.4069 
_refine.pdbx_overall_SU_R_free_Cruickshank_DPI   ? 
_refine.pdbx_overall_SU_R_free_Blow_DPI          ? 
_refine.pdbx_overall_SU_R_Blow_DPI               ? 
_refine.pdbx_TLS_residual_ADP_flag               ? 
_refine.pdbx_diffrn_id                           1 
_refine.overall_SU_B                             ? 
_refine.overall_SU_ML                            0.3551 
_refine.overall_SU_R_Cruickshank_DPI             ? 
_refine.overall_SU_R_free                        ? 
_refine.overall_FOM_free_R_set                   ? 
_refine.overall_FOM_work_R_set                   ? 
_refine.pdbx_average_fsc_overall                 ? 
_refine.pdbx_average_fsc_work                    ? 
_refine.pdbx_average_fsc_free                    ? 
# 
_refine_hist.pdbx_refine_id                   'X-RAY DIFFRACTION' 
_refine_hist.cycle_id                         LAST 
_refine_hist.details                          ? 
_refine_hist.d_res_high                       2.50 
_refine_hist.d_res_low                        22.68 
_refine_hist.number_atoms_solvent             0 
_refine_hist.number_atoms_total               366 
_refine_hist.number_reflns_all                ? 
_refine_hist.number_reflns_obs                ? 
_refine_hist.number_reflns_R_free             ? 
_refine_hist.number_reflns_R_work             ? 
_refine_hist.R_factor_all                     ? 
_refine_hist.R_factor_obs                     ? 
_refine_hist.R_factor_R_free                  ? 
_refine_hist.R_factor_R_work                  ? 
_refine_hist.pdbx_number_residues_total       ? 
_refine_hist.pdbx_B_iso_mean_ligand           ? 
_refine_hist.pdbx_B_iso_mean_solvent          ? 
_refine_hist.pdbx_number_atoms_protein        0 
_refine_hist.pdbx_number_atoms_nucleic_acid   365 
_refine_hist.pdbx_number_atoms_ligand         1 
_refine_hist.pdbx_number_atoms_lipid          ? 
_refine_hist.pdbx_number_atoms_carb           ? 
_refine_hist.pdbx_pseudo_atom_details         ? 
# 
loop_
_refine_ls_restr.pdbx_refine_id 
_refine_ls_restr.criterion 
_refine_ls_restr.dev_ideal 
_refine_ls_restr.dev_ideal_target 
_refine_ls_restr.number 
_refine_ls_restr.rejects 
_refine_ls_restr.type 
_refine_ls_restr.weight 
_refine_ls_restr.pdbx_restraint_function 
'X-RAY DIFFRACTION' ? 0.0126  ? 409 ? f_bond_d           ? ? 
'X-RAY DIFFRACTION' ? 1.2760  ? 629 ? f_angle_d          ? ? 
'X-RAY DIFFRACTION' ? 0.0637  ? 71  ? f_chiral_restr     ? ? 
'X-RAY DIFFRACTION' ? 0.0088  ? 18  ? f_plane_restr      ? ? 
'X-RAY DIFFRACTION' ? 15.2090 ? 176 ? f_dihedral_angle_d ? ? 
# 
_refine_ls_shell.pdbx_refine_id                   'X-RAY DIFFRACTION' 
_refine_ls_shell.d_res_high                       2.50 
_refine_ls_shell.d_res_low                        2.59 
_refine_ls_shell.number_reflns_all                ? 
_refine_ls_shell.number_reflns_obs                ? 
_refine_ls_shell.number_reflns_R_free             13 
_refine_ls_shell.number_reflns_R_work             212 
_refine_ls_shell.percent_reflns_obs               100.00 
_refine_ls_shell.percent_reflns_R_free            5.8 
_refine_ls_shell.R_factor_all                     ? 
_refine_ls_shell.R_factor_obs                     ? 
_refine_ls_shell.R_factor_R_free                  0.4771 
_refine_ls_shell.R_factor_R_free_error            ? 
_refine_ls_shell.R_factor_R_work                  0.3634 
_refine_ls_shell.redundancy_reflns_all            ? 
_refine_ls_shell.redundancy_reflns_obs            ? 
_refine_ls_shell.wR_factor_all                    ? 
_refine_ls_shell.wR_factor_obs                    ? 
_refine_ls_shell.wR_factor_R_free                 ? 
_refine_ls_shell.wR_factor_R_work                 ? 
_refine_ls_shell.pdbx_R_complete                  ? 
_refine_ls_shell.pdbx_total_number_of_bins_used   ? 
_refine_ls_shell.pdbx_phase_error                 ? 
_refine_ls_shell.pdbx_fsc_work                    ? 
_refine_ls_shell.pdbx_fsc_free                    ? 
# 
_struct.entry_id                     7Z7L 
_struct.title                        'REP-related Chom18 variant with double AC mismatch' 
_struct.pdbx_model_details           ? 
_struct.pdbx_formula_weight          ? 
_struct.pdbx_formula_weight_method   ? 
_struct.pdbx_model_type_details      ? 
_struct.pdbx_CASP_flag               N 
# 
_struct_keywords.entry_id        7Z7L 
_struct_keywords.text            'Mismatch, Non-canonical, Base pair, Double helix, DNA' 
_struct_keywords.pdbx_keywords   DNA 
# 
loop_
_struct_asym.id 
_struct_asym.pdbx_blank_PDB_chainid_flag 
_struct_asym.pdbx_modified 
_struct_asym.entity_id 
_struct_asym.details 
A N N 1 ? 
B N N 2 ? 
# 
_struct_ref.id                         1 
_struct_ref.db_name                    PDB 
_struct_ref.db_code                    7Z7L 
_struct_ref.pdbx_db_accession          7Z7L 
_struct_ref.pdbx_db_isoform            ? 
_struct_ref.entity_id                  1 
_struct_ref.pdbx_seq_one_letter_code   ? 
_struct_ref.pdbx_align_begin           1 
# 
_struct_ref_seq.align_id                      1 
_struct_ref_seq.ref_id                        1 
_struct_ref_seq.pdbx_PDB_id_code              7Z7L 
_struct_ref_seq.pdbx_strand_id                A 
_struct_ref_seq.seq_align_beg                 1 
_struct_ref_seq.pdbx_seq_align_beg_ins_code   ? 
_struct_ref_seq.seq_align_end                 18 
_struct_ref_seq.pdbx_seq_align_end_ins_code   ? 
_struct_ref_seq.pdbx_db_accession             7Z7L 
_struct_ref_seq.db_align_beg                  1 
_struct_ref_seq.pdbx_db_align_beg_ins_code    ? 
_struct_ref_seq.db_align_end                  18 
_struct_ref_seq.pdbx_db_align_end_ins_code    ? 
_struct_ref_seq.pdbx_auth_seq_align_beg       1 
_struct_ref_seq.pdbx_auth_seq_align_end       18 
# 
_pdbx_struct_assembly.id                   1 
_pdbx_struct_assembly.details              author_and_software_defined_assembly 
_pdbx_struct_assembly.method_details       PISA 
_pdbx_struct_assembly.oligomeric_details   dimeric 
_pdbx_struct_assembly.oligomeric_count     2 
# 
loop_
_pdbx_struct_assembly_prop.biol_id 
_pdbx_struct_assembly_prop.type 
_pdbx_struct_assembly_prop.value 
_pdbx_struct_assembly_prop.details 
1 'ABSA (A^2)' 2160 ? 
1 MORE         -64  ? 
1 'SSA (A^2)'  6330 ? 
# 
_pdbx_struct_assembly_gen.assembly_id       1 
_pdbx_struct_assembly_gen.oper_expression   1,2 
_pdbx_struct_assembly_gen.asym_id_list      A,B 
# 
_pdbx_struct_assembly_auth_evidence.id                     1 
_pdbx_struct_assembly_auth_evidence.assembly_id            1 
_pdbx_struct_assembly_auth_evidence.experimental_support   none 
_pdbx_struct_assembly_auth_evidence.details                ? 
# 
loop_
_pdbx_struct_oper_list.id 
_pdbx_struct_oper_list.type 
_pdbx_struct_oper_list.name 
_pdbx_struct_oper_list.symmetry_operation 
_pdbx_struct_oper_list.matrix[1][1] 
_pdbx_struct_oper_list.matrix[1][2] 
_pdbx_struct_oper_list.matrix[1][3] 
_pdbx_struct_oper_list.vector[1] 
_pdbx_struct_oper_list.matrix[2][1] 
_pdbx_struct_oper_list.matrix[2][2] 
_pdbx_struct_oper_list.matrix[2][3] 
_pdbx_struct_oper_list.vector[2] 
_pdbx_struct_oper_list.matrix[3][1] 
_pdbx_struct_oper_list.matrix[3][2] 
_pdbx_struct_oper_list.matrix[3][3] 
_pdbx_struct_oper_list.vector[3] 
1 'identity operation'         1_555 x,y,z      1.0000000000  0.0000000000  0.0000000000 0.0000000000 0.0000000000  1.0000000000  0.0000000000  0.0000000000 0.0000000000 0.0000000000  1.0000000000 0.0000000000 
2 'crystal symmetry operation' 7_465 y-1,x+1,-z -0.7566552341 -0.3976807227 0.5189632929 2.4657449526 -0.3976807227 -0.3500992032 -0.8481041155 2.1203229059 0.5189632929 -0.8481041155 0.1067544373 0.4685984940 
# 
loop_
_struct_conn.id 
_struct_conn.conn_type_id 
_struct_conn.pdbx_leaving_atom_flag 
_struct_conn.pdbx_PDB_id 
_struct_conn.ptnr1_label_asym_id 
_struct_conn.ptnr1_label_comp_id 
_struct_conn.ptnr1_label_seq_id 
_struct_conn.ptnr1_label_atom_id 
_struct_conn.pdbx_ptnr1_label_alt_id 
_struct_conn.pdbx_ptnr1_PDB_ins_code 
_struct_conn.pdbx_ptnr1_standard_comp_id 
_struct_conn.ptnr1_symmetry 
_struct_conn.ptnr2_label_asym_id 
_struct_conn.ptnr2_label_comp_id 
_struct_conn.ptnr2_label_seq_id 
_struct_conn.ptnr2_label_atom_id 
_struct_conn.pdbx_ptnr2_label_alt_id 
_struct_conn.pdbx_ptnr2_PDB_ins_code 
_struct_conn.ptnr1_auth_asym_id 
_struct_conn.ptnr1_auth_comp_id 
_struct_conn.ptnr1_auth_seq_id 
_struct_conn.ptnr2_auth_asym_id 
_struct_conn.ptnr2_auth_comp_id 
_struct_conn.ptnr2_auth_seq_id 
_struct_conn.ptnr2_symmetry 
_struct_conn.pdbx_ptnr3_label_atom_id 
_struct_conn.pdbx_ptnr3_label_seq_id 
_struct_conn.pdbx_ptnr3_label_comp_id 
_struct_conn.pdbx_ptnr3_label_asym_id 
_struct_conn.pdbx_ptnr3_label_alt_id 
_struct_conn.pdbx_ptnr3_PDB_ins_code 
_struct_conn.details 
_struct_conn.pdbx_dist_value 
_struct_conn.pdbx_value_order 
_struct_conn.pdbx_role 
metalc1  metalc ? ? A DG 7  O6 ? ? ? 1_555 B SR .  SR ? ? A DG 7  A SR 101 7_465 ? ? ? ? ? ? ?            2.729 ? ? 
hydrog1  hydrog ? ? A DG 1  N1 ? ? ? 1_555 A DC 18 N3 ? ? A DG 1  A DC 18  7_465 ? ? ? ? ? ? WATSON-CRICK ?     ? ? 
hydrog2  hydrog ? ? A DG 1  N2 ? ? ? 1_555 A DC 18 O2 ? ? A DG 1  A DC 18  7_465 ? ? ? ? ? ? WATSON-CRICK ?     ? ? 
hydrog3  hydrog ? ? A DG 1  O6 ? ? ? 1_555 A DC 18 N4 ? ? A DG 1  A DC 18  7_465 ? ? ? ? ? ? WATSON-CRICK ?     ? ? 
hydrog4  hydrog ? ? A DG 2  N1 ? ? ? 1_555 A DC 17 N3 ? ? A DG 2  A DC 17  7_465 ? ? ? ? ? ? WATSON-CRICK ?     ? ? 
hydrog5  hydrog ? ? A DG 2  N2 ? ? ? 1_555 A DC 17 O2 ? ? A DG 2  A DC 17  7_465 ? ? ? ? ? ? WATSON-CRICK ?     ? ? 
hydrog6  hydrog ? ? A DG 2  O6 ? ? ? 1_555 A DC 17 N4 ? ? A DG 2  A DC 17  7_465 ? ? ? ? ? ? WATSON-CRICK ?     ? ? 
hydrog7  hydrog ? ? A DT 3  N3 ? ? ? 1_555 A DA 16 N1 ? ? A DT 3  A DA 16  7_465 ? ? ? ? ? ? WATSON-CRICK ?     ? ? 
hydrog8  hydrog ? ? A DT 3  O4 ? ? ? 1_555 A DA 16 N6 ? ? A DT 3  A DA 16  7_465 ? ? ? ? ? ? WATSON-CRICK ?     ? ? 
hydrog9  hydrog ? ? A DG 4  N1 ? ? ? 1_555 A DC 15 N3 ? ? A DG 4  A DC 15  7_465 ? ? ? ? ? ? WATSON-CRICK ?     ? ? 
hydrog10 hydrog ? ? A DG 4  N2 ? ? ? 1_555 A DC 15 O2 ? ? A DG 4  A DC 15  7_465 ? ? ? ? ? ? WATSON-CRICK ?     ? ? 
hydrog11 hydrog ? ? A DG 4  O6 ? ? ? 1_555 A DC 15 N4 ? ? A DG 4  A DC 15  7_465 ? ? ? ? ? ? WATSON-CRICK ?     ? ? 
hydrog12 hydrog ? ? A DG 5  N1 ? ? ? 1_555 A DC 14 N3 ? ? A DG 5  A DC 14  7_465 ? ? ? ? ? ? WATSON-CRICK ?     ? ? 
hydrog13 hydrog ? ? A DG 5  N2 ? ? ? 1_555 A DC 14 O2 ? ? A DG 5  A DC 14  7_465 ? ? ? ? ? ? WATSON-CRICK ?     ? ? 
hydrog14 hydrog ? ? A DG 5  O6 ? ? ? 1_555 A DC 14 N4 ? ? A DG 5  A DC 14  7_465 ? ? ? ? ? ? WATSON-CRICK ?     ? ? 
hydrog15 hydrog ? ? A DG 6  N1 ? ? ? 1_555 A DC 13 N3 ? ? A DG 6  A DC 13  7_465 ? ? ? ? ? ? WATSON-CRICK ?     ? ? 
hydrog16 hydrog ? ? A DG 6  N2 ? ? ? 1_555 A DC 13 O2 ? ? A DG 6  A DC 13  7_465 ? ? ? ? ? ? WATSON-CRICK ?     ? ? 
hydrog17 hydrog ? ? A DG 6  O6 ? ? ? 1_555 A DC 13 N4 ? ? A DG 6  A DC 13  7_465 ? ? ? ? ? ? WATSON-CRICK ?     ? ? 
hydrog18 hydrog ? ? A DG 7  N1 ? ? ? 1_555 A DC 12 N3 ? ? A DG 7  A DC 12  7_465 ? ? ? ? ? ? WATSON-CRICK ?     ? ? 
hydrog19 hydrog ? ? A DG 7  N2 ? ? ? 1_555 A DC 12 O2 ? ? A DG 7  A DC 12  7_465 ? ? ? ? ? ? WATSON-CRICK ?     ? ? 
hydrog20 hydrog ? ? A DG 7  O6 ? ? ? 1_555 A DC 12 N4 ? ? A DG 7  A DC 12  7_465 ? ? ? ? ? ? WATSON-CRICK ?     ? ? 
hydrog21 hydrog ? ? A DC 8  N3 ? ? ? 1_555 A DG 11 N1 ? ? A DC 8  A DG 11  7_465 ? ? ? ? ? ? WATSON-CRICK ?     ? ? 
hydrog22 hydrog ? ? A DC 8  N4 ? ? ? 1_555 A DG 11 O6 ? ? A DC 8  A DG 11  7_465 ? ? ? ? ? ? WATSON-CRICK ?     ? ? 
hydrog23 hydrog ? ? A DC 8  O2 ? ? ? 1_555 A DG 11 N2 ? ? A DC 8  A DG 11  7_465 ? ? ? ? ? ? WATSON-CRICK ?     ? ? 
hydrog24 hydrog ? ? A DG 11 N1 ? ? ? 1_555 A DC 8  N3 ? ? A DG 11 A DC 8   7_465 ? ? ? ? ? ? WATSON-CRICK ?     ? ? 
hydrog25 hydrog ? ? A DG 11 N2 ? ? ? 1_555 A DC 8  O2 ? ? A DG 11 A DC 8   7_465 ? ? ? ? ? ? WATSON-CRICK ?     ? ? 
hydrog26 hydrog ? ? A DG 11 O6 ? ? ? 1_555 A DC 8  N4 ? ? A DG 11 A DC 8   7_465 ? ? ? ? ? ? WATSON-CRICK ?     ? ? 
hydrog27 hydrog ? ? A DC 12 N3 ? ? ? 1_555 A DG 7  N1 ? ? A DC 12 A DG 7   7_465 ? ? ? ? ? ? WATSON-CRICK ?     ? ? 
hydrog28 hydrog ? ? A DC 12 N4 ? ? ? 1_555 A DG 7  O6 ? ? A DC 12 A DG 7   7_465 ? ? ? ? ? ? WATSON-CRICK ?     ? ? 
hydrog29 hydrog ? ? A DC 12 O2 ? ? ? 1_555 A DG 7  N2 ? ? A DC 12 A DG 7   7_465 ? ? ? ? ? ? WATSON-CRICK ?     ? ? 
hydrog30 hydrog ? ? A DC 13 N3 ? ? ? 1_555 A DG 6  N1 ? ? A DC 13 A DG 6   7_465 ? ? ? ? ? ? WATSON-CRICK ?     ? ? 
hydrog31 hydrog ? ? A DC 13 N4 ? ? ? 1_555 A DG 6  O6 ? ? A DC 13 A DG 6   7_465 ? ? ? ? ? ? WATSON-CRICK ?     ? ? 
hydrog32 hydrog ? ? A DC 13 O2 ? ? ? 1_555 A DG 6  N2 ? ? A DC 13 A DG 6   7_465 ? ? ? ? ? ? WATSON-CRICK ?     ? ? 
hydrog33 hydrog ? ? A DC 14 N3 ? ? ? 1_555 A DG 5  N1 ? ? A DC 14 A DG 5   7_465 ? ? ? ? ? ? WATSON-CRICK ?     ? ? 
hydrog34 hydrog ? ? A DC 14 N4 ? ? ? 1_555 A DG 5  O6 ? ? A DC 14 A DG 5   7_465 ? ? ? ? ? ? WATSON-CRICK ?     ? ? 
hydrog35 hydrog ? ? A DC 14 O2 ? ? ? 1_555 A DG 5  N2 ? ? A DC 14 A DG 5   7_465 ? ? ? ? ? ? WATSON-CRICK ?     ? ? 
hydrog36 hydrog ? ? A DC 15 N3 ? ? ? 1_555 A DG 4  N1 ? ? A DC 15 A DG 4   7_465 ? ? ? ? ? ? WATSON-CRICK ?     ? ? 
hydrog37 hydrog ? ? A DC 15 N4 ? ? ? 1_555 A DG 4  O6 ? ? A DC 15 A DG 4   7_465 ? ? ? ? ? ? WATSON-CRICK ?     ? ? 
hydrog38 hydrog ? ? A DC 15 O2 ? ? ? 1_555 A DG 4  N2 ? ? A DC 15 A DG 4   7_465 ? ? ? ? ? ? WATSON-CRICK ?     ? ? 
hydrog39 hydrog ? ? A DA 16 N1 ? ? ? 1_555 A DT 3  N3 ? ? A DA 16 A DT 3   7_465 ? ? ? ? ? ? WATSON-CRICK ?     ? ? 
hydrog40 hydrog ? ? A DA 16 N6 ? ? ? 1_555 A DT 3  O4 ? ? A DA 16 A DT 3   7_465 ? ? ? ? ? ? WATSON-CRICK ?     ? ? 
hydrog41 hydrog ? ? A DC 17 N3 ? ? ? 1_555 A DG 2  N1 ? ? A DC 17 A DG 2   7_465 ? ? ? ? ? ? WATSON-CRICK ?     ? ? 
hydrog42 hydrog ? ? A DC 17 N4 ? ? ? 1_555 A DG 2  O6 ? ? A DC 17 A DG 2   7_465 ? ? ? ? ? ? WATSON-CRICK ?     ? ? 
hydrog43 hydrog ? ? A DC 17 O2 ? ? ? 1_555 A DG 2  N2 ? ? A DC 17 A DG 2   7_465 ? ? ? ? ? ? WATSON-CRICK ?     ? ? 
hydrog44 hydrog ? ? A DC 18 N3 ? ? ? 1_555 A DG 1  N1 ? ? A DC 18 A DG 1   7_465 ? ? ? ? ? ? WATSON-CRICK ?     ? ? 
hydrog45 hydrog ? ? A DC 18 N4 ? ? ? 1_555 A DG 1  O6 ? ? A DC 18 A DG 1   7_465 ? ? ? ? ? ? WATSON-CRICK ?     ? ? 
hydrog46 hydrog ? ? A DC 18 O2 ? ? ? 1_555 A DG 1  N2 ? ? A DC 18 A DG 1   7_465 ? ? ? ? ? ? WATSON-CRICK ?     ? ? 
# 
loop_
_struct_conn_type.id 
_struct_conn_type.criteria 
_struct_conn_type.reference 
metalc ? ? 
hydrog ? ? 
# 
loop_
_pdbx_validate_rmsd_bond.id 
_pdbx_validate_rmsd_bond.PDB_model_num 
_pdbx_validate_rmsd_bond.auth_atom_id_1 
_pdbx_validate_rmsd_bond.auth_asym_id_1 
_pdbx_validate_rmsd_bond.auth_comp_id_1 
_pdbx_validate_rmsd_bond.auth_seq_id_1 
_pdbx_validate_rmsd_bond.PDB_ins_code_1 
_pdbx_validate_rmsd_bond.label_alt_id_1 
_pdbx_validate_rmsd_bond.auth_atom_id_2 
_pdbx_validate_rmsd_bond.auth_asym_id_2 
_pdbx_validate_rmsd_bond.auth_comp_id_2 
_pdbx_validate_rmsd_bond.auth_seq_id_2 
_pdbx_validate_rmsd_bond.PDB_ins_code_2 
_pdbx_validate_rmsd_bond.label_alt_id_2 
_pdbx_validate_rmsd_bond.bond_value 
_pdbx_validate_rmsd_bond.bond_target_value 
_pdbx_validate_rmsd_bond.bond_deviation 
_pdbx_validate_rmsd_bond.bond_standard_deviation 
_pdbx_validate_rmsd_bond.linker_flag 
1 1 "O3'" A DG 1  ? ? "C3'" A DG 1  ? ? 1.371 1.419 -0.048 0.006 N 
2 1 "O3'" A DC 15 ? ? "C3'" A DC 15 ? ? 1.364 1.419 -0.055 0.006 N 
3 1 "O3'" A DA 16 ? ? "C3'" A DA 16 ? ? 1.368 1.419 -0.051 0.006 N 
# 
loop_
_pdbx_validate_rmsd_angle.id 
_pdbx_validate_rmsd_angle.PDB_model_num 
_pdbx_validate_rmsd_angle.auth_atom_id_1 
_pdbx_validate_rmsd_angle.auth_asym_id_1 
_pdbx_validate_rmsd_angle.auth_comp_id_1 
_pdbx_validate_rmsd_angle.auth_seq_id_1 
_pdbx_validate_rmsd_angle.PDB_ins_code_1 
_pdbx_validate_rmsd_angle.label_alt_id_1 
_pdbx_validate_rmsd_angle.auth_atom_id_2 
_pdbx_validate_rmsd_angle.auth_asym_id_2 
_pdbx_validate_rmsd_angle.auth_comp_id_2 
_pdbx_validate_rmsd_angle.auth_seq_id_2 
_pdbx_validate_rmsd_angle.PDB_ins_code_2 
_pdbx_validate_rmsd_angle.label_alt_id_2 
_pdbx_validate_rmsd_angle.auth_atom_id_3 
_pdbx_validate_rmsd_angle.auth_asym_id_3 
_pdbx_validate_rmsd_angle.auth_comp_id_3 
_pdbx_validate_rmsd_angle.auth_seq_id_3 
_pdbx_validate_rmsd_angle.PDB_ins_code_3 
_pdbx_validate_rmsd_angle.label_alt_id_3 
_pdbx_validate_rmsd_angle.angle_value 
_pdbx_validate_rmsd_angle.angle_target_value 
_pdbx_validate_rmsd_angle.angle_deviation 
_pdbx_validate_rmsd_angle.angle_standard_deviation 
_pdbx_validate_rmsd_angle.linker_flag 
1 1 "O4'" A DC 8  ? ? "C1'" A DC 8  ? ? N1 A DC 8  ? ? 110.24 108.30 1.94 0.30 N 
2 1 "O4'" A DC 18 ? ? "C1'" A DC 18 ? ? N1 A DC 18 ? ? 110.57 108.30 2.27 0.30 N 
# 
loop_
_space_group_symop.id 
_space_group_symop.operation_xyz 
1 x,y,z               
2 -y+1/2,x+1/2,z+3/4  
3 y+1/2,-x+1/2,z+1/4  
4 x+1/2,-y+1/2,-z+1/4 
5 -x+1/2,y+1/2,-z+3/4 
6 -x,-y,z+1/2         
7 y,x,-z              
8 -y,-x,-z+1/2        
# 
_pdbx_entry_details.entry_id                 7Z7L 
_pdbx_entry_details.nonpolymer_details       ? 
_pdbx_entry_details.sequence_details         ? 
_pdbx_entry_details.compound_details         ? 
_pdbx_entry_details.source_details           ? 
_pdbx_entry_details.has_ligand_of_interest   N 
# 
loop_
_chem_comp_atom.comp_id 
_chem_comp_atom.atom_id 
_chem_comp_atom.type_symbol 
_chem_comp_atom.pdbx_aromatic_flag 
_chem_comp_atom.pdbx_stereo_config 
_chem_comp_atom.pdbx_ordinal 
DA OP3    O  N N 1   
DA P      P  N N 2   
DA OP1    O  N N 3   
DA OP2    O  N N 4   
DA "O5'"  O  N N 5   
DA "C5'"  C  N N 6   
DA "C4'"  C  N R 7   
DA "O4'"  O  N N 8   
DA "C3'"  C  N S 9   
DA "O3'"  O  N N 10  
DA "C2'"  C  N N 11  
DA "C1'"  C  N R 12  
DA N9     N  Y N 13  
DA C8     C  Y N 14  
DA N7     N  Y N 15  
DA C5     C  Y N 16  
DA C6     C  Y N 17  
DA N6     N  N N 18  
DA N1     N  Y N 19  
DA C2     C  Y N 20  
DA N3     N  Y N 21  
DA C4     C  Y N 22  
DA HOP3   H  N N 23  
DA HOP2   H  N N 24  
DA "H5'"  H  N N 25  
DA "H5''" H  N N 26  
DA "H4'"  H  N N 27  
DA "H3'"  H  N N 28  
DA "HO3'" H  N N 29  
DA "H2'"  H  N N 30  
DA "H2''" H  N N 31  
DA "H1'"  H  N N 32  
DA H8     H  N N 33  
DA H61    H  N N 34  
DA H62    H  N N 35  
DA H2     H  N N 36  
DC OP3    O  N N 37  
DC P      P  N N 38  
DC OP1    O  N N 39  
DC OP2    O  N N 40  
DC "O5'"  O  N N 41  
DC "C5'"  C  N N 42  
DC "C4'"  C  N R 43  
DC "O4'"  O  N N 44  
DC "C3'"  C  N S 45  
DC "O3'"  O  N N 46  
DC "C2'"  C  N N 47  
DC "C1'"  C  N R 48  
DC N1     N  N N 49  
DC C2     C  N N 50  
DC O2     O  N N 51  
DC N3     N  N N 52  
DC C4     C  N N 53  
DC N4     N  N N 54  
DC C5     C  N N 55  
DC C6     C  N N 56  
DC HOP3   H  N N 57  
DC HOP2   H  N N 58  
DC "H5'"  H  N N 59  
DC "H5''" H  N N 60  
DC "H4'"  H  N N 61  
DC "H3'"  H  N N 62  
DC "HO3'" H  N N 63  
DC "H2'"  H  N N 64  
DC "H2''" H  N N 65  
DC "H1'"  H  N N 66  
DC H41    H  N N 67  
DC H42    H  N N 68  
DC H5     H  N N 69  
DC H6     H  N N 70  
DG OP3    O  N N 71  
DG P      P  N N 72  
DG OP1    O  N N 73  
DG OP2    O  N N 74  
DG "O5'"  O  N N 75  
DG "C5'"  C  N N 76  
DG "C4'"  C  N R 77  
DG "O4'"  O  N N 78  
DG "C3'"  C  N S 79  
DG "O3'"  O  N N 80  
DG "C2'"  C  N N 81  
DG "C1'"  C  N R 82  
DG N9     N  Y N 83  
DG C8     C  Y N 84  
DG N7     N  Y N 85  
DG C5     C  Y N 86  
DG C6     C  N N 87  
DG O6     O  N N 88  
DG N1     N  N N 89  
DG C2     C  N N 90  
DG N2     N  N N 91  
DG N3     N  N N 92  
DG C4     C  Y N 93  
DG HOP3   H  N N 94  
DG HOP2   H  N N 95  
DG "H5'"  H  N N 96  
DG "H5''" H  N N 97  
DG "H4'"  H  N N 98  
DG "H3'"  H  N N 99  
DG "HO3'" H  N N 100 
DG "H2'"  H  N N 101 
DG "H2''" H  N N 102 
DG "H1'"  H  N N 103 
DG H8     H  N N 104 
DG H1     H  N N 105 
DG H21    H  N N 106 
DG H22    H  N N 107 
DT OP3    O  N N 108 
DT P      P  N N 109 
DT OP1    O  N N 110 
DT OP2    O  N N 111 
DT "O5'"  O  N N 112 
DT "C5'"  C  N N 113 
DT "C4'"  C  N R 114 
DT "O4'"  O  N N 115 
DT "C3'"  C  N S 116 
DT "O3'"  O  N N 117 
DT "C2'"  C  N N 118 
DT "C1'"  C  N R 119 
DT N1     N  N N 120 
DT C2     C  N N 121 
DT O2     O  N N 122 
DT N3     N  N N 123 
DT C4     C  N N 124 
DT O4     O  N N 125 
DT C5     C  N N 126 
DT C7     C  N N 127 
DT C6     C  N N 128 
DT HOP3   H  N N 129 
DT HOP2   H  N N 130 
DT "H5'"  H  N N 131 
DT "H5''" H  N N 132 
DT "H4'"  H  N N 133 
DT "H3'"  H  N N 134 
DT "HO3'" H  N N 135 
DT "H2'"  H  N N 136 
DT "H2''" H  N N 137 
DT "H1'"  H  N N 138 
DT H3     H  N N 139 
DT H71    H  N N 140 
DT H72    H  N N 141 
DT H73    H  N N 142 
DT H6     H  N N 143 
SR SR     SR N N 144 
# 
loop_
_chem_comp_bond.comp_id 
_chem_comp_bond.atom_id_1 
_chem_comp_bond.atom_id_2 
_chem_comp_bond.value_order 
_chem_comp_bond.pdbx_aromatic_flag 
_chem_comp_bond.pdbx_stereo_config 
_chem_comp_bond.pdbx_ordinal 
DA OP3   P      sing N N 1   
DA OP3   HOP3   sing N N 2   
DA P     OP1    doub N N 3   
DA P     OP2    sing N N 4   
DA P     "O5'"  sing N N 5   
DA OP2   HOP2   sing N N 6   
DA "O5'" "C5'"  sing N N 7   
DA "C5'" "C4'"  sing N N 8   
DA "C5'" "H5'"  sing N N 9   
DA "C5'" "H5''" sing N N 10  
DA "C4'" "O4'"  sing N N 11  
DA "C4'" "C3'"  sing N N 12  
DA "C4'" "H4'"  sing N N 13  
DA "O4'" "C1'"  sing N N 14  
DA "C3'" "O3'"  sing N N 15  
DA "C3'" "C2'"  sing N N 16  
DA "C3'" "H3'"  sing N N 17  
DA "O3'" "HO3'" sing N N 18  
DA "C2'" "C1'"  sing N N 19  
DA "C2'" "H2'"  sing N N 20  
DA "C2'" "H2''" sing N N 21  
DA "C1'" N9     sing N N 22  
DA "C1'" "H1'"  sing N N 23  
DA N9    C8     sing Y N 24  
DA N9    C4     sing Y N 25  
DA C8    N7     doub Y N 26  
DA C8    H8     sing N N 27  
DA N7    C5     sing Y N 28  
DA C5    C6     sing Y N 29  
DA C5    C4     doub Y N 30  
DA C6    N6     sing N N 31  
DA C6    N1     doub Y N 32  
DA N6    H61    sing N N 33  
DA N6    H62    sing N N 34  
DA N1    C2     sing Y N 35  
DA C2    N3     doub Y N 36  
DA C2    H2     sing N N 37  
DA N3    C4     sing Y N 38  
DC OP3   P      sing N N 39  
DC OP3   HOP3   sing N N 40  
DC P     OP1    doub N N 41  
DC P     OP2    sing N N 42  
DC P     "O5'"  sing N N 43  
DC OP2   HOP2   sing N N 44  
DC "O5'" "C5'"  sing N N 45  
DC "C5'" "C4'"  sing N N 46  
DC "C5'" "H5'"  sing N N 47  
DC "C5'" "H5''" sing N N 48  
DC "C4'" "O4'"  sing N N 49  
DC "C4'" "C3'"  sing N N 50  
DC "C4'" "H4'"  sing N N 51  
DC "O4'" "C1'"  sing N N 52  
DC "C3'" "O3'"  sing N N 53  
DC "C3'" "C2'"  sing N N 54  
DC "C3'" "H3'"  sing N N 55  
DC "O3'" "HO3'" sing N N 56  
DC "C2'" "C1'"  sing N N 57  
DC "C2'" "H2'"  sing N N 58  
DC "C2'" "H2''" sing N N 59  
DC "C1'" N1     sing N N 60  
DC "C1'" "H1'"  sing N N 61  
DC N1    C2     sing N N 62  
DC N1    C6     sing N N 63  
DC C2    O2     doub N N 64  
DC C2    N3     sing N N 65  
DC N3    C4     doub N N 66  
DC C4    N4     sing N N 67  
DC C4    C5     sing N N 68  
DC N4    H41    sing N N 69  
DC N4    H42    sing N N 70  
DC C5    C6     doub N N 71  
DC C5    H5     sing N N 72  
DC C6    H6     sing N N 73  
DG OP3   P      sing N N 74  
DG OP3   HOP3   sing N N 75  
DG P     OP1    doub N N 76  
DG P     OP2    sing N N 77  
DG P     "O5'"  sing N N 78  
DG OP2   HOP2   sing N N 79  
DG "O5'" "C5'"  sing N N 80  
DG "C5'" "C4'"  sing N N 81  
DG "C5'" "H5'"  sing N N 82  
DG "C5'" "H5''" sing N N 83  
DG "C4'" "O4'"  sing N N 84  
DG "C4'" "C3'"  sing N N 85  
DG "C4'" "H4'"  sing N N 86  
DG "O4'" "C1'"  sing N N 87  
DG "C3'" "O3'"  sing N N 88  
DG "C3'" "C2'"  sing N N 89  
DG "C3'" "H3'"  sing N N 90  
DG "O3'" "HO3'" sing N N 91  
DG "C2'" "C1'"  sing N N 92  
DG "C2'" "H2'"  sing N N 93  
DG "C2'" "H2''" sing N N 94  
DG "C1'" N9     sing N N 95  
DG "C1'" "H1'"  sing N N 96  
DG N9    C8     sing Y N 97  
DG N9    C4     sing Y N 98  
DG C8    N7     doub Y N 99  
DG C8    H8     sing N N 100 
DG N7    C5     sing Y N 101 
DG C5    C6     sing N N 102 
DG C5    C4     doub Y N 103 
DG C6    O6     doub N N 104 
DG C6    N1     sing N N 105 
DG N1    C2     sing N N 106 
DG N1    H1     sing N N 107 
DG C2    N2     sing N N 108 
DG C2    N3     doub N N 109 
DG N2    H21    sing N N 110 
DG N2    H22    sing N N 111 
DG N3    C4     sing N N 112 
DT OP3   P      sing N N 113 
DT OP3   HOP3   sing N N 114 
DT P     OP1    doub N N 115 
DT P     OP2    sing N N 116 
DT P     "O5'"  sing N N 117 
DT OP2   HOP2   sing N N 118 
DT "O5'" "C5'"  sing N N 119 
DT "C5'" "C4'"  sing N N 120 
DT "C5'" "H5'"  sing N N 121 
DT "C5'" "H5''" sing N N 122 
DT "C4'" "O4'"  sing N N 123 
DT "C4'" "C3'"  sing N N 124 
DT "C4'" "H4'"  sing N N 125 
DT "O4'" "C1'"  sing N N 126 
DT "C3'" "O3'"  sing N N 127 
DT "C3'" "C2'"  sing N N 128 
DT "C3'" "H3'"  sing N N 129 
DT "O3'" "HO3'" sing N N 130 
DT "C2'" "C1'"  sing N N 131 
DT "C2'" "H2'"  sing N N 132 
DT "C2'" "H2''" sing N N 133 
DT "C1'" N1     sing N N 134 
DT "C1'" "H1'"  sing N N 135 
DT N1    C2     sing N N 136 
DT N1    C6     sing N N 137 
DT C2    O2     doub N N 138 
DT C2    N3     sing N N 139 
DT N3    C4     sing N N 140 
DT N3    H3     sing N N 141 
DT C4    O4     doub N N 142 
DT C4    C5     sing N N 143 
DT C5    C7     sing N N 144 
DT C5    C6     doub N N 145 
DT C7    H71    sing N N 146 
DT C7    H72    sing N N 147 
DT C7    H73    sing N N 148 
DT C6    H6     sing N N 149 
# 
loop_
_ndb_struct_conf_na.entry_id 
_ndb_struct_conf_na.feature 
7Z7L 'a-form double helix' 
7Z7L 'internal loop'       
# 
loop_
_ndb_struct_na_base_pair.model_number 
_ndb_struct_na_base_pair.i_label_asym_id 
_ndb_struct_na_base_pair.i_label_comp_id 
_ndb_struct_na_base_pair.i_label_seq_id 
_ndb_struct_na_base_pair.i_symmetry 
_ndb_struct_na_base_pair.j_label_asym_id 
_ndb_struct_na_base_pair.j_label_comp_id 
_ndb_struct_na_base_pair.j_label_seq_id 
_ndb_struct_na_base_pair.j_symmetry 
_ndb_struct_na_base_pair.shear 
_ndb_struct_na_base_pair.stretch 
_ndb_struct_na_base_pair.stagger 
_ndb_struct_na_base_pair.buckle 
_ndb_struct_na_base_pair.propeller 
_ndb_struct_na_base_pair.opening 
_ndb_struct_na_base_pair.pair_number 
_ndb_struct_na_base_pair.pair_name 
_ndb_struct_na_base_pair.i_auth_asym_id 
_ndb_struct_na_base_pair.i_auth_seq_id 
_ndb_struct_na_base_pair.i_PDB_ins_code 
_ndb_struct_na_base_pair.j_auth_asym_id 
_ndb_struct_na_base_pair.j_auth_seq_id 
_ndb_struct_na_base_pair.j_PDB_ins_code 
_ndb_struct_na_base_pair.hbond_type_28 
_ndb_struct_na_base_pair.hbond_type_12 
1 A DG 1 1_555 A DC 18 7_465 -0.610 -0.188 -0.050 -5.623  -10.148 -0.055 1  A_DG1:DC18_A A 1 ? A 18 ? 19 1 
1 A DG 2 1_555 A DC 17 7_465 -0.011 -0.255 0.115  -4.821  -17.376 2.728  2  A_DG2:DC17_A A 2 ? A 17 ? 19 1 
1 A DT 3 1_555 A DA 16 7_465 -0.230 -0.104 0.032  1.071   -11.669 6.628  3  A_DT3:DA16_A A 3 ? A 16 ? 20 1 
1 A DG 4 1_555 A DC 15 7_465 -0.089 -0.014 0.830  14.226  -11.023 1.698  4  A_DG4:DC15_A A 4 ? A 15 ? 19 1 
1 A DG 5 1_555 A DC 14 7_465 -0.338 0.038  -0.072 -1.045  -11.954 1.382  5  A_DG5:DC14_A A 5 ? A 14 ? 19 1 
1 A DG 6 1_555 A DC 13 7_465 -0.294 0.190  -0.071 -7.734  -1.351  6.595  6  A_DG6:DC13_A A 6 ? A 13 ? 19 1 
1 A DG 7 1_555 A DC 12 7_465 0.213  0.011  -0.456 -21.534 -10.861 7.808  7  A_DG7:DC12_A A 7 ? A 12 ? 19 1 
1 A DC 8 1_555 A DG 11 7_465 0.021  0.338  0.322  -11.931 -13.325 1.649  8  A_DC8:DG11_A A 8 ? A 11 ? 19 1 
1 A DG 1 7_465 A DC 18 1_555 -0.610 -0.188 -0.050 -5.623  -10.148 -0.055 9  A_DG1:DC18_A A 1 ? A 18 ? 19 1 
1 A DG 2 7_465 A DC 17 1_555 -0.011 -0.255 0.115  -4.821  -17.376 2.728  10 A_DG2:DC17_A A 2 ? A 17 ? 19 1 
1 A DT 3 7_465 A DA 16 1_555 -0.230 -0.104 0.032  1.071   -11.669 6.628  11 A_DT3:DA16_A A 3 ? A 16 ? 20 1 
1 A DG 4 7_465 A DC 15 1_555 -0.089 -0.014 0.830  14.226  -11.023 1.698  12 A_DG4:DC15_A A 4 ? A 15 ? 19 1 
1 A DG 5 7_465 A DC 14 1_555 -0.338 0.038  -0.072 -1.045  -11.954 1.382  13 A_DG5:DC14_A A 5 ? A 14 ? 19 1 
1 A DG 6 7_465 A DC 13 1_555 -0.294 0.190  -0.071 -7.734  -1.351  6.595  14 A_DG6:DC13_A A 6 ? A 13 ? 19 1 
1 A DG 7 7_465 A DC 12 1_555 0.213  0.011  -0.456 -21.534 -10.861 7.808  15 A_DG7:DC12_A A 7 ? A 12 ? 19 1 
1 A DC 8 7_465 A DG 11 1_555 0.021  0.338  0.322  -11.931 -13.325 1.649  16 A_DC8:DG11_A A 8 ? A 11 ? 19 1 
# 
loop_
_ndb_struct_na_base_pair_step.model_number 
_ndb_struct_na_base_pair_step.i_label_asym_id_1 
_ndb_struct_na_base_pair_step.i_label_comp_id_1 
_ndb_struct_na_base_pair_step.i_label_seq_id_1 
_ndb_struct_na_base_pair_step.i_symmetry_1 
_ndb_struct_na_base_pair_step.j_label_asym_id_1 
_ndb_struct_na_base_pair_step.j_label_comp_id_1 
_ndb_struct_na_base_pair_step.j_label_seq_id_1 
_ndb_struct_na_base_pair_step.j_symmetry_1 
_ndb_struct_na_base_pair_step.i_label_asym_id_2 
_ndb_struct_na_base_pair_step.i_label_comp_id_2 
_ndb_struct_na_base_pair_step.i_label_seq_id_2 
_ndb_struct_na_base_pair_step.i_symmetry_2 
_ndb_struct_na_base_pair_step.j_label_asym_id_2 
_ndb_struct_na_base_pair_step.j_label_comp_id_2 
_ndb_struct_na_base_pair_step.j_label_seq_id_2 
_ndb_struct_na_base_pair_step.j_symmetry_2 
_ndb_struct_na_base_pair_step.shift 
_ndb_struct_na_base_pair_step.slide 
_ndb_struct_na_base_pair_step.rise 
_ndb_struct_na_base_pair_step.tilt 
_ndb_struct_na_base_pair_step.roll 
_ndb_struct_na_base_pair_step.twist 
_ndb_struct_na_base_pair_step.x_displacement 
_ndb_struct_na_base_pair_step.y_displacement 
_ndb_struct_na_base_pair_step.helical_rise 
_ndb_struct_na_base_pair_step.inclination 
_ndb_struct_na_base_pair_step.tip 
_ndb_struct_na_base_pair_step.helical_twist 
_ndb_struct_na_base_pair_step.step_number 
_ndb_struct_na_base_pair_step.step_name 
_ndb_struct_na_base_pair_step.i_auth_asym_id_1 
_ndb_struct_na_base_pair_step.i_auth_seq_id_1 
_ndb_struct_na_base_pair_step.i_PDB_ins_code_1 
_ndb_struct_na_base_pair_step.j_auth_asym_id_1 
_ndb_struct_na_base_pair_step.j_auth_seq_id_1 
_ndb_struct_na_base_pair_step.j_PDB_ins_code_1 
_ndb_struct_na_base_pair_step.i_auth_asym_id_2 
_ndb_struct_na_base_pair_step.i_auth_seq_id_2 
_ndb_struct_na_base_pair_step.i_PDB_ins_code_2 
_ndb_struct_na_base_pair_step.j_auth_asym_id_2 
_ndb_struct_na_base_pair_step.j_auth_seq_id_2 
_ndb_struct_na_base_pair_step.j_PDB_ins_code_2 
1 A DG 1 1_555 A DC 18 7_465 A DG 2 1_555 A DC 17 7_465 0.368  -1.119 3.247 -0.885 7.511  36.781 -2.681 -0.683 2.960 11.751 1.384  
37.524 1  AA_DG1DG2:DC17DC18_AA A 1 ? A 18 ? A 2 ? A 17 ? 
1 A DG 2 1_555 A DC 17 7_465 A DT 3 1_555 A DA 16 7_465 0.495  -1.120 3.128 2.845  -0.142 32.628 -1.964 -0.406 3.164 -0.252 -5.052 
32.749 2  AA_DG2DT3:DA16DC17_AA A 2 ? A 17 ? A 3 ? A 16 ? 
1 A DT 3 1_555 A DA 16 7_465 A DG 4 1_555 A DC 15 7_465 -0.159 -1.505 2.775 -4.696 11.027 26.057 -4.947 -0.491 1.985 22.973 9.783  
28.637 3  AA_DT3DG4:DC15DA16_AA A 3 ? A 16 ? A 4 ? A 15 ? 
1 A DG 4 1_555 A DC 15 7_465 A DG 5 1_555 A DC 14 7_465 -0.511 -1.245 3.612 2.609  4.871  33.842 -2.934 1.306  3.358 8.299  -4.445 
34.277 4  AA_DG4DG5:DC14DC15_AA A 4 ? A 15 ? A 5 ? A 14 ? 
1 A DG 5 1_555 A DC 14 7_465 A DG 6 1_555 A DC 13 7_465 0.789  -1.800 3.197 1.821  10.057 33.898 -4.309 -1.055 2.611 16.782 -3.039 
35.362 5  AA_DG5DG6:DC13DC14_AA A 5 ? A 14 ? A 6 ? A 13 ? 
1 A DG 6 1_555 A DC 13 7_465 A DG 7 1_555 A DC 12 7_465 0.217  -1.921 3.529 5.096  11.164 31.610 -5.080 0.440  2.716 19.594 -8.944 
33.852 6  AA_DG6DG7:DC12DC13_AA A 6 ? A 13 ? A 7 ? A 12 ? 
1 A DG 7 1_555 A DC 12 7_465 A DC 8 1_555 A DG 11 7_465 -0.805 -1.415 2.978 -2.332 1.114  30.168 -2.914 1.111  2.978 2.136  4.470  
30.275 7  AA_DG7DC8:DG11DC12_AA A 7 ? A 12 ? A 8 ? A 11 ? 
1 A DG 1 7_465 A DC 18 1_555 A DG 2 7_465 A DC 17 1_555 0.368  -1.119 3.247 -0.885 7.511  36.781 -2.681 -0.683 2.960 11.751 1.384  
37.524 8  AA_DG1DG2:DC17DC18_AA A 1 ? A 18 ? A 2 ? A 17 ? 
1 A DG 2 7_465 A DC 17 1_555 A DT 3 7_465 A DA 16 1_555 0.495  -1.120 3.128 2.845  -0.142 32.628 -1.964 -0.406 3.164 -0.252 -5.052 
32.749 9  AA_DG2DT3:DA16DC17_AA A 2 ? A 17 ? A 3 ? A 16 ? 
1 A DT 3 7_465 A DA 16 1_555 A DG 4 7_465 A DC 15 1_555 -0.159 -1.505 2.775 -4.696 11.027 26.057 -4.947 -0.491 1.985 22.973 9.783  
28.637 10 AA_DT3DG4:DC15DA16_AA A 3 ? A 16 ? A 4 ? A 15 ? 
1 A DG 4 7_465 A DC 15 1_555 A DG 5 7_465 A DC 14 1_555 -0.511 -1.245 3.612 2.609  4.871  33.842 -2.934 1.306  3.358 8.299  -4.445 
34.277 11 AA_DG4DG5:DC14DC15_AA A 4 ? A 15 ? A 5 ? A 14 ? 
1 A DG 5 7_465 A DC 14 1_555 A DG 6 7_465 A DC 13 1_555 0.789  -1.800 3.197 1.821  10.057 33.898 -4.309 -1.055 2.611 16.782 -3.039 
35.362 12 AA_DG5DG6:DC13DC14_AA A 5 ? A 14 ? A 6 ? A 13 ? 
1 A DG 6 7_465 A DC 13 1_555 A DG 7 7_465 A DC 12 1_555 0.217  -1.921 3.529 5.096  11.164 31.610 -5.080 0.440  2.716 19.594 -8.944 
33.852 13 AA_DG6DG7:DC12DC13_AA A 6 ? A 13 ? A 7 ? A 12 ? 
1 A DG 7 7_465 A DC 12 1_555 A DC 8 7_465 A DG 11 1_555 -0.805 -1.415 2.978 -2.332 1.114  30.168 -2.914 1.111  2.978 2.136  4.470  
30.275 14 AA_DG7DC8:DG11DC12_AA A 7 ? A 12 ? A 8 ? A 11 ? 
# 
loop_
_pdbx_audit_support.funding_organization 
_pdbx_audit_support.country 
_pdbx_audit_support.grant_number 
_pdbx_audit_support.ordinal 
'Ministry of Education, Youth and Sports of the Czech Republic' 'Czech Republic' LTAUSA18197    1 
'Czech Academy of Sciences'                                     'Czech Republic' 'RVO 86652036' 2 
# 
_pdbx_initial_refinement_model.id               1 
_pdbx_initial_refinement_model.entity_id_list   ? 
_pdbx_initial_refinement_model.type             'experimental model' 
_pdbx_initial_refinement_model.source_name      PDB 
_pdbx_initial_refinement_model.accession_code   6ROS 
_pdbx_initial_refinement_model.details          ? 
# 
_pdbx_related_exp_data_set.ordinal              1 
_pdbx_related_exp_data_set.data_reference       10.5281/zenodo.633668 
_pdbx_related_exp_data_set.metadata_reference   ? 
_pdbx_related_exp_data_set.data_set_type        'diffraction image data' 
_pdbx_related_exp_data_set.details              ? 
# 
_space_group.name_H-M_alt     'P 43 21 2' 
_space_group.name_Hall        'P 4nw 2abw' 
_space_group.IT_number        96 
_space_group.crystal_system   tetragonal 
_space_group.id               1 
# 
_atom_sites.entry_id                    7Z7L 
_atom_sites.Cartn_transf_matrix[1][1]   ? 
_atom_sites.Cartn_transf_matrix[1][2]   ? 
_atom_sites.Cartn_transf_matrix[1][3]   ? 
_atom_sites.Cartn_transf_matrix[2][1]   ? 
_atom_sites.Cartn_transf_matrix[2][2]   ? 
_atom_sites.Cartn_transf_matrix[2][3]   ? 
_atom_sites.Cartn_transf_matrix[3][1]   ? 
_atom_sites.Cartn_transf_matrix[3][2]   ? 
_atom_sites.Cartn_transf_matrix[3][3]   ? 
_atom_sites.Cartn_transf_vector[1]      ? 
_atom_sites.Cartn_transf_vector[2]      ? 
_atom_sites.Cartn_transf_vector[3]      ? 
_atom_sites.fract_transf_matrix[1][1]   0.01938104 
_atom_sites.fract_transf_matrix[1][2]   -0.01789078 
_atom_sites.fract_transf_matrix[1][3]   0.00237583 
_atom_sites.fract_transf_matrix[2][1]   -0.00631698 
_atom_sites.fract_transf_matrix[2][2]   -0.00345887 
_atom_sites.fract_transf_matrix[2][3]   0.02548492 
_atom_sites.fract_transf_matrix[3][1]   -0.00750096 
_atom_sites.fract_transf_matrix[3][2]   -0.00852636 
_atom_sites.fract_transf_matrix[3][3]   -0.00301649 
_atom_sites.fract_transf_vector[1]      -0.561580 
_atom_sites.fract_transf_vector[2]      0.449386 
_atom_sites.fract_transf_vector[3]      0.018994 
_atom_sites.solution_primary            ? 
_atom_sites.solution_secondary          ? 
_atom_sites.solution_hydrogens          ? 
_atom_sites.special_details             ? 
# 
loop_
_atom_type.symbol 
_atom_type.scat_dispersion_real 
_atom_type.scat_dispersion_imag 
_atom_type.scat_Cromer_Mann_a1 
_atom_type.scat_Cromer_Mann_a2 
_atom_type.scat_Cromer_Mann_a3 
_atom_type.scat_Cromer_Mann_a4 
_atom_type.scat_Cromer_Mann_b1 
_atom_type.scat_Cromer_Mann_b2 
_atom_type.scat_Cromer_Mann_b3 
_atom_type.scat_Cromer_Mann_b4 
_atom_type.scat_Cromer_Mann_c 
_atom_type.scat_source 
_atom_type.scat_dispersion_source 
C  ? ? 3.54356  2.42580 ? ? 25.62398 1.50364  ? ? 0.0 
;2-Gaussian fit: Grosse-Kunstleve RW, Sauter NK, Adams PD: Newsletter of the IUCr Commission on Crystallographic Computing 2004, 3, 22-31.
;
? 
N  ? ? 4.01032  2.96436 ? ? 19.97189 1.75589  ? ? 0.0 
;2-Gaussian fit: Grosse-Kunstleve RW, Sauter NK, Adams PD: Newsletter of the IUCr Commission on Crystallographic Computing 2004, 3, 22-31.
;
? 
O  ? ? 4.49882  3.47563 ? ? 15.80542 1.70748  ? ? 0.0 
;2-Gaussian fit: Grosse-Kunstleve RW, Sauter NK, Adams PD: Newsletter of the IUCr Commission on Crystallographic Computing 2004, 3, 22-31.
;
? 
P  ? ? 9.51135  5.44231 ? ? 1.42069  35.72801 ? ? 0.0 
;2-Gaussian fit: Grosse-Kunstleve RW, Sauter NK, Adams PD: Newsletter of the IUCr Commission on Crystallographic Computing 2004, 3, 22-31.
;
? 
SR ? ? 32.18652 5.63919 ? ? 2.35430  57.90393 ? ? 0.0 
;2-Gaussian fit: Grosse-Kunstleve RW, Sauter NK, Adams PD: Newsletter of the IUCr Commission on Crystallographic Computing 2004, 3, 22-31.
;
? 
# 
loop_
_atom_site.group_PDB 
_atom_site.id 
_atom_site.type_symbol 
_atom_site.label_atom_id 
_atom_site.label_alt_id 
_atom_site.label_comp_id 
_atom_site.label_asym_id 
_atom_site.label_entity_id 
_atom_site.label_seq_id 
_atom_site.pdbx_PDB_ins_code 
_atom_site.Cartn_x 
_atom_site.Cartn_y 
_atom_site.Cartn_z 
_atom_site.occupancy 
_atom_site.B_iso_or_equiv 
_atom_site.pdbx_formal_charge 
_atom_site.auth_seq_id 
_atom_site.auth_comp_id 
_atom_site.auth_asym_id 
_atom_site.auth_atom_id 
_atom_site.pdbx_PDB_model_num 
ATOM   1   O  "O5'" . DG A 1 1  ? 19.08287  7.46073   -14.18994 1.000 82.22337  ? 1   DG A "O5'" 1 
ATOM   2   C  "C5'" . DG A 1 1  ? 18.26591  6.32038   -13.90984 1.000 82.46283  ? 1   DG A "C5'" 1 
ATOM   3   C  "C4'" . DG A 1 1  ? 18.90191  5.04146   -14.43027 1.000 76.82368  ? 1   DG A "C4'" 1 
ATOM   4   O  "O4'" . DG A 1 1  ? 20.34598  5.07361   -14.23452 1.000 73.87469  ? 1   DG A "O4'" 1 
ATOM   5   C  "C3'" . DG A 1 1  ? 18.44272  3.78603   -13.71107 1.000 74.69705  ? 1   DG A "C3'" 1 
ATOM   6   O  "O3'" . DG A 1 1  ? 17.31747  3.29206   -14.31935 1.000 75.88446  ? 1   DG A "O3'" 1 
ATOM   7   C  "C2'" . DG A 1 1  ? 19.62837  2.85158   -13.88169 1.000 73.25070  ? 1   DG A "C2'" 1 
ATOM   8   C  "C1'" . DG A 1 1  ? 20.76951  3.82557   -13.67900 1.000 73.28647  ? 1   DG A "C1'" 1 
ATOM   9   N  N9    . DG A 1 1  ? 21.10061  4.06817   -12.27998 1.000 73.01717  ? 1   DG A N9    1 
ATOM   10  C  C8    . DG A 1 1  ? 20.91752  5.25047   -11.59572 1.000 63.63300  ? 1   DG A C8    1 
ATOM   11  N  N7    . DG A 1 1  ? 21.32536  5.19955   -10.35903 1.000 70.89717  ? 1   DG A N7    1 
ATOM   12  C  C5    . DG A 1 1  ? 21.82016  3.91288   -10.21126 1.000 71.03069  ? 1   DG A C5    1 
ATOM   13  C  C6    . DG A 1 1  ? 22.39964  3.29201   -9.07745  1.000 71.67315  ? 1   DG A C6    1 
ATOM   14  O  O6    . DG A 1 1  ? 22.61051  3.78597   -7.95492  1.000 72.31550  ? 1   DG A O6    1 
ATOM   15  N  N1    . DG A 1 1  ? 22.75825  1.96554   -9.34134  1.000 72.37567  ? 1   DG A N1    1 
ATOM   16  C  C2    . DG A 1 1  ? 22.58238  1.33061   -10.55546 1.000 73.72433  ? 1   DG A C2    1 
ATOM   17  N  N2    . DG A 1 1  ? 23.00419  0.05918   -10.61824 1.000 69.33755  ? 1   DG A N2    1 
ATOM   18  N  N3    . DG A 1 1  ? 22.04317  1.91346   -11.63751 1.000 69.96313  ? 1   DG A N3    1 
ATOM   19  C  C4    . DG A 1 1  ? 21.68945  3.19769   -11.38914 1.000 67.60155  ? 1   DG A C4    1 
ATOM   20  P  P     . DG A 1 2  ? 16.05453  2.91269   -13.42056 1.000 76.66198  ? 2   DG A P     1 
ATOM   21  O  OP1   . DG A 1 2  ? 14.96340  2.39885   -14.28982 1.000 90.86910  ? 2   DG A OP1   1 
ATOM   22  O  OP2   . DG A 1 2  ? 15.84261  4.11734   -12.58336 1.000 79.38686  ? 2   DG A OP2   1 
ATOM   23  O  "O5'" . DG A 1 2  ? 16.54365  1.59404   -12.65811 1.000 66.20397  ? 2   DG A "O5'" 1 
ATOM   24  C  "C5'" . DG A 1 2  ? 16.57491  0.41806   -13.37966 1.000 73.49197  ? 2   DG A "C5'" 1 
ATOM   25  C  "C4'" . DG A 1 2  ? 17.43689  -0.63159  -12.71351 1.000 76.57046  ? 2   DG A "C4'" 1 
ATOM   26  O  "O4'" . DG A 1 2  ? 18.68966  -0.05033  -12.35203 1.000 77.03154  ? 2   DG A "O4'" 1 
ATOM   27  C  "C3'" . DG A 1 2  ? 16.88630  -1.20890  -11.42350 1.000 77.39928  ? 2   DG A "C3'" 1 
ATOM   28  O  "O3'" . DG A 1 2  ? 15.96606  -2.26927  -11.72635 1.000 68.86973  ? 2   DG A "O3'" 1 
ATOM   29  C  "C2'" . DG A 1 2  ? 18.16594  -1.72105  -10.77305 1.000 70.48970  ? 2   DG A "C2'" 1 
ATOM   30  C  "C1'" . DG A 1 2  ? 19.11854  -0.58780  -11.11640 1.000 78.43158  ? 2   DG A "C1'" 1 
ATOM   31  N  N9    . DG A 1 2  ? 19.13272  0.50494   -10.14152 1.000 71.86646  ? 2   DG A N9    1 
ATOM   32  C  C8    . DG A 1 2  ? 18.64217  1.78237   -10.31781 1.000 73.85454  ? 2   DG A C8    1 
ATOM   33  N  N7    . DG A 1 2  ? 18.79823  2.54340   -9.27292  1.000 72.31587  ? 2   DG A N7    1 
ATOM   34  C  C5    . DG A 1 2  ? 19.45349  1.71887   -8.35442  1.000 73.65403  ? 2   DG A C5    1 
ATOM   35  C  C6    . DG A 1 2  ? 19.91353  1.99466   -7.04752  1.000 69.58396  ? 2   DG A C6    1 
ATOM   36  O  O6    . DG A 1 2  ? 19.81565  3.05565   -6.41669  1.000 69.28300  ? 2   DG A O6    1 
ATOM   37  N  N1    . DG A 1 2  ? 20.53668  0.88773   -6.47173  1.000 68.39209  ? 2   DG A N1    1 
ATOM   38  C  C2    . DG A 1 2  ? 20.67364  -0.33496  -7.08344  1.000 71.24743  ? 2   DG A C2    1 
ATOM   39  N  N2    . DG A 1 2  ? 21.28337  -1.29832  -6.38322  1.000 72.24668  ? 2   DG A N2    1 
ATOM   40  N  N3    . DG A 1 2  ? 20.26208  -0.59641  -8.30960  1.000 73.06040  ? 2   DG A N3    1 
ATOM   41  C  C4    . DG A 1 2  ? 19.66254  0.46864   -8.88106  1.000 69.83865  ? 2   DG A C4    1 
ATOM   42  P  P     . DT A 1 3  ? 14.62095  -2.43950  -10.87481 1.000 73.97354  ? 3   DT A P     1 
ATOM   43  O  OP1   . DT A 1 3  ? 13.81281  -3.51813  -11.52848 1.000 83.09576  ? 3   DT A OP1   1 
ATOM   44  O  OP2   . DT A 1 3  ? 13.98417  -1.10776  -10.69468 1.000 59.22983  ? 3   DT A OP2   1 
ATOM   45  O  "O5'" . DT A 1 3  ? 15.16080  -3.09040  -9.53261  1.000 71.47274  ? 3   DT A "O5'" 1 
ATOM   46  C  "C5'" . DT A 1 3  ? 15.97067  -4.25030  -9.62900  1.000 67.97999  ? 3   DT A "C5'" 1 
ATOM   47  C  "C4'" . DT A 1 3  ? 16.66545  -4.49927  -8.32007  1.000 73.17734  ? 3   DT A "C4'" 1 
ATOM   48  O  "O4'" . DT A 1 3  ? 17.56065  -3.39762  -8.07381  1.000 76.14125  ? 3   DT A "O4'" 1 
ATOM   49  C  "C3'" . DT A 1 3  ? 15.74168  -4.48143  -7.12665  1.000 76.82767  ? 3   DT A "C3'" 1 
ATOM   50  O  "O3'" . DT A 1 3  ? 15.17530  -5.75325  -6.91163  1.000 79.71118  ? 3   DT A "O3'" 1 
ATOM   51  C  "C2'" . DT A 1 3  ? 16.67145  -4.09284  -5.99989  1.000 75.60304  ? 3   DT A "C2'" 1 
ATOM   52  C  "C1'" . DT A 1 3  ? 17.62043  -3.13568  -6.70226  1.000 72.62711  ? 3   DT A "C1'" 1 
ATOM   53  N  N1    . DT A 1 3  ? 17.31088  -1.72299  -6.48923  1.000 73.98554  ? 3   DT A N1    1 
ATOM   54  C  C2    . DT A 1 3  ? 17.82789  -1.13363  -5.38251  1.000 73.21376  ? 3   DT A C2    1 
ATOM   55  O  O2    . DT A 1 3  ? 18.49171  -1.74792  -4.57923  1.000 77.27026  ? 3   DT A O2    1 
ATOM   56  N  N3    . DT A 1 3  ? 17.56650  0.19750   -5.25013  1.000 71.43371  ? 3   DT A N3    1 
ATOM   57  C  C4    . DT A 1 3  ? 16.81639  0.97989   -6.09033  1.000 73.73348  ? 3   DT A C4    1 
ATOM   58  O  O4    . DT A 1 3  ? 16.60514  2.16934   -5.86312  1.000 75.53393  ? 3   DT A O4    1 
ATOM   59  C  C5    . DT A 1 3  ? 16.28087  0.30293   -7.25097  1.000 75.60515  ? 3   DT A C5    1 
ATOM   60  C  C7    . DT A 1 3  ? 15.45959  1.07214   -8.24100  1.000 73.47626  ? 3   DT A C7    1 
ATOM   61  C  C6    . DT A 1 3  ? 16.55484  -1.01618  -7.40599  1.000 70.39356  ? 3   DT A C6    1 
ATOM   62  P  P     . DG A 1 4  ? 13.67246  -5.81224  -6.35793  1.000 79.41257  ? 4   DG A P     1 
ATOM   63  O  OP1   . DG A 1 4  ? 13.14503  -7.16029  -6.66646  1.000 87.05722  ? 4   DG A OP1   1 
ATOM   64  O  OP2   . DG A 1 4  ? 12.99716  -4.53038  -6.73158  1.000 75.32728  ? 4   DG A OP2   1 
ATOM   65  O  "O5'" . DG A 1 4  ? 13.82893  -5.62733  -4.78220  1.000 74.83688  ? 4   DG A "O5'" 1 
ATOM   66  C  "C5'" . DG A 1 4  ? 14.81109  -6.31694  -4.06894  1.000 69.70645  ? 4   DG A "C5'" 1 
ATOM   67  C  "C4'" . DG A 1 4  ? 15.01905  -5.57810  -2.78890  1.000 80.83302  ? 4   DG A "C4'" 1 
ATOM   68  O  "O4'" . DG A 1 4  ? 15.55938  -4.28981  -3.09879  1.000 82.64665  ? 4   DG A "O4'" 1 
ATOM   69  C  "C3'" . DG A 1 4  ? 13.72439  -5.24150  -2.09424  1.000 79.73668  ? 4   DG A "C3'" 1 
ATOM   70  O  "O3'" . DG A 1 4  ? 13.34439  -6.28881  -1.23454  1.000 87.02843  ? 4   DG A "O3'" 1 
ATOM   71  C  "C2'" . DG A 1 4  ? 14.06600  -4.00276  -1.30525  1.000 78.43593  ? 4   DG A "C2'" 1 
ATOM   72  C  "C1'" . DG A 1 4  ? 15.27282  -3.43499  -2.04107  1.000 78.55325  ? 4   DG A "C1'" 1 
ATOM   73  N  N9    . DG A 1 4  ? 15.03986  -2.09982  -2.53828  1.000 77.62220  ? 4   DG A N9    1 
ATOM   74  C  C8    . DG A 1 4  ? 14.44942  -1.72001  -3.72013  1.000 76.76613  ? 4   DG A C8    1 
ATOM   75  N  N7    . DG A 1 4  ? 14.37268  -0.41818  -3.86085  1.000 80.22548  ? 4   DG A N7    1 
ATOM   76  C  C5    . DG A 1 4  ? 14.95073  0.08278   -2.68201  1.000 80.32667  ? 4   DG A C5    1 
ATOM   77  C  C6    . DG A 1 4  ? 15.16155  1.40651   -2.24375  1.000 72.82525  ? 4   DG A C6    1 
ATOM   78  O  O6    . DG A 1 4  ? 14.88001  2.48177   -2.81205  1.000 71.90962  ? 4   DG A O6    1 
ATOM   79  N  N1    . DG A 1 4  ? 15.74531  1.42793   -0.98553  1.000 77.28891  ? 4   DG A N1    1 
ATOM   80  C  C2    . DG A 1 4  ? 16.12183  0.33077   -0.26064  1.000 73.05648  ? 4   DG A C2    1 
ATOM   81  N  N2    . DG A 1 4  ? 16.70455  0.56445   0.92011   1.000 77.33075  ? 4   DG A N2    1 
ATOM   82  N  N3    . DG A 1 4  ? 15.95770  -0.89505  -0.65902  1.000 75.61564  ? 4   DG A N3    1 
ATOM   83  C  C4    . DG A 1 4  ? 15.35922  -0.94814  -1.87251  1.000 82.06822  ? 4   DG A C4    1 
ATOM   84  P  P     . DG A 1 5  ? 11.97372  -6.14934  -0.41779  1.000 81.16557  ? 5   DG A P     1 
ATOM   85  O  OP1   . DG A 1 5  ? 11.39455  -7.48318  -0.37182  1.000 91.75466  ? 5   DG A OP1   1 
ATOM   86  O  OP2   . DG A 1 5  ? 11.18375  -4.98647  -0.90919  1.000 80.18160  ? 5   DG A OP2   1 
ATOM   87  O  "O5'" . DG A 1 5  ? 12.42823  -5.69903  1.02805   1.000 75.38970  ? 5   DG A "O5'" 1 
ATOM   88  C  "C5'" . DG A 1 5  ? 11.58954  -4.82379  1.70076   1.000 75.70299  ? 5   DG A "C5'" 1 
ATOM   89  C  "C4'" . DG A 1 5  ? 12.30260  -4.12892  2.83035   1.000 79.65959  ? 5   DG A "C4'" 1 
ATOM   90  O  "O4'" . DG A 1 5  ? 13.53417  -3.49028  2.36589   1.000 72.28419  ? 5   DG A "O4'" 1 
ATOM   91  C  "C3'" . DG A 1 5  ? 11.48415  -3.00842  3.41982   1.000 82.77636  ? 5   DG A "C3'" 1 
ATOM   92  O  "O3'" . DG A 1 5  ? 10.60315  -3.53959  4.38074   1.000 81.53059  ? 5   DG A "O3'" 1 
ATOM   93  C  "C2'" . DG A 1 5  ? 12.55949  -2.10164  3.99993   1.000 76.53153  ? 5   DG A "C2'" 1 
ATOM   94  C  "C1'" . DG A 1 5  ? 13.58684  -2.15428  2.86478   1.000 77.26343  ? 5   DG A "C1'" 1 
ATOM   95  N  N9    . DG A 1 5  ? 13.24307  -1.25094  1.76551   1.000 80.84079  ? 5   DG A N9    1 
ATOM   96  C  C8    . DG A 1 5  ? 12.79937  -1.61252  0.52855   1.000 77.25340  ? 5   DG A C8    1 
ATOM   97  N  N7    . DG A 1 5  ? 12.52635  -0.60624  -0.23963  1.000 80.80359  ? 5   DG A N7    1 
ATOM   98  C  C5    . DG A 1 5  ? 12.80258  0.49966   0.52729   1.000 76.73126  ? 5   DG A C5    1 
ATOM   99  C  C6    . DG A 1 5  ? 12.70201  1.86364   0.20910   1.000 79.61173  ? 5   DG A C6    1 
ATOM   100 O  O6    . DG A 1 5  ? 12.32501  2.36258   -0.85196  1.000 81.65169  ? 5   DG A O6    1 
ATOM   101 N  N1    . DG A 1 5  ? 13.07240  2.67626   1.27914   1.000 78.53973  ? 5   DG A N1    1 
ATOM   102 C  C2    . DG A 1 5  ? 13.50904  2.21016   2.50032   1.000 74.55656  ? 5   DG A C2    1 
ATOM   103 N  N2    . DG A 1 5  ? 13.83139  3.13087   3.41088   1.000 72.83182  ? 5   DG A N2    1 
ATOM   104 N  N3    . DG A 1 5  ? 13.62385  0.92904   2.80329   1.000 75.28607  ? 5   DG A N3    1 
ATOM   105 C  C4    . DG A 1 5  ? 13.24482  0.13137   1.77747   1.000 78.78387  ? 5   DG A C4    1 
ATOM   106 P  P     . DG A 1 6  ? 9.05126   -3.18070  4.29110   1.000 77.49637  ? 6   DG A P     1 
ATOM   107 O  OP1   . DG A 1 6  ? 8.39836   -4.04798  5.29422   1.000 88.78780  ? 6   DG A OP1   1 
ATOM   108 O  OP2   . DG A 1 6  ? 8.63012   -3.21778  2.86187   1.000 79.96699  ? 6   DG A OP2   1 
ATOM   109 O  "O5'" . DG A 1 6  ? 9.00963   -1.67902  4.81360   1.000 70.00674  ? 6   DG A "O5'" 1 
ATOM   110 C  "C5'" . DG A 1 6  ? 9.58461   -1.38120  6.06515   1.000 74.84971  ? 6   DG A "C5'" 1 
ATOM   111 C  "C4'" . DG A 1 6  ? 9.63702   0.10990   6.30067   1.000 74.82701  ? 6   DG A "C4'" 1 
ATOM   112 O  "O4'" . DG A 1 6  ? 10.62467  0.68296   5.42354   1.000 72.55530  ? 6   DG A "O4'" 1 
ATOM   113 C  "C3'" . DG A 1 6  ? 8.36547   0.86239   5.96248   1.000 75.79115  ? 6   DG A "C3'" 1 
ATOM   114 O  "O3'" . DG A 1 6  ? 7.47142   0.84457   7.03460   1.000 78.74099  ? 6   DG A "O3'" 1 
ATOM   115 C  "C2'" . DG A 1 6  ? 8.89274   2.26266   5.73293   1.000 74.13918  ? 6   DG A "C2'" 1 
ATOM   116 C  "C1'" . DG A 1 6  ? 10.18758  1.96517   5.00445   1.000 75.73993  ? 6   DG A "C1'" 1 
ATOM   117 N  N9    . DG A 1 6  ? 10.03182  1.95870   3.56488   1.000 79.52080  ? 6   DG A N9    1 
ATOM   118 C  C8    . DG A 1 6  ? 10.00415  0.86342   2.73616   1.000 78.72494  ? 6   DG A C8    1 
ATOM   119 N  N7    . DG A 1 6  ? 9.85101   1.17583   1.48132   1.000 79.52666  ? 6   DG A N7    1 
ATOM   120 C  C5    . DG A 1 6  ? 9.77364   2.56562   1.48305   1.000 80.51182  ? 6   DG A C5    1 
ATOM   121 C  C6    . DG A 1 6  ? 9.62038   3.46803   0.41441   1.000 79.31640  ? 6   DG A C6    1 
ATOM   122 O  O6    . DG A 1 6  ? 9.52537   3.21876   -0.77501  1.000 78.44039  ? 6   DG A O6    1 
ATOM   123 N  N1    . DG A 1 6  ? 9.58935   4.78682   0.84430   1.000 87.08900  ? 6   DG A N1    1 
ATOM   124 C  C2    . DG A 1 6  ? 9.71326   5.18943   2.15229   1.000 83.16410  ? 6   DG A C2    1 
ATOM   125 N  N2    . DG A 1 6  ? 9.65642   6.50862   2.37610   1.000 82.73129  ? 6   DG A N2    1 
ATOM   126 N  N3    . DG A 1 6  ? 9.86959   4.35276   3.16778   1.000 83.30185  ? 6   DG A N3    1 
ATOM   127 C  C4    . DG A 1 6  ? 9.88445   3.05880   2.75633   1.000 81.34439  ? 6   DG A C4    1 
ATOM   128 P  P     . DG A 1 7  ? 5.99183   1.43460   6.82149   1.000 80.51387  ? 7   DG A P     1 
ATOM   129 O  OP1   . DG A 1 7  ? 5.18866   1.22704   8.05499   1.000 85.61087  ? 7   DG A OP1   1 
ATOM   130 O  OP2   . DG A 1 7  ? 5.56864   0.96762   5.49029   1.000 89.96963  ? 7   DG A OP2   1 
ATOM   131 O  "O5'" . DG A 1 7  ? 6.17558   2.99163   6.64367   1.000 81.55650  ? 7   DG A "O5'" 1 
ATOM   132 C  "C5'" . DG A 1 7  ? 5.10522   3.72298   6.16665   1.000 79.96174  ? 7   DG A "C5'" 1 
ATOM   133 C  "C4'" . DG A 1 7  ? 5.53681   5.12105   5.85091   1.000 86.90943  ? 7   DG A "C4'" 1 
ATOM   134 O  "O4'" . DG A 1 7  ? 6.74145   5.10391   5.04175   1.000 86.99541  ? 7   DG A "O4'" 1 
ATOM   135 C  "C3'" . DG A 1 7  ? 4.53141   5.88780   5.04721   1.000 93.71681  ? 7   DG A "C3'" 1 
ATOM   136 O  "O3'" . DG A 1 7  ? 3.62300   6.47238   5.92403   1.000 96.79692  ? 7   DG A "O3'" 1 
ATOM   137 C  "C2'" . DG A 1 7  ? 5.40243   6.91544   4.31803   1.000 91.88247  ? 7   DG A "C2'" 1 
ATOM   138 C  "C1'" . DG A 1 7  ? 6.63063   6.06227   3.99131   1.000 89.56248  ? 7   DG A "C1'" 1 
ATOM   139 N  N9    . DG A 1 7  ? 6.55884   5.31065   2.72348   1.000 91.18056  ? 7   DG A N9    1 
ATOM   140 C  C8    . DG A 1 7  ? 6.66822   3.95002   2.58904   1.000 83.83176  ? 7   DG A C8    1 
ATOM   141 N  N7    . DG A 1 7  ? 6.60644   3.53978   1.36039   1.000 83.09415  ? 7   DG A N7    1 
ATOM   142 C  C5    . DG A 1 7  ? 6.45465   4.69749   0.61497   1.000 87.32840  ? 7   DG A C5    1 
ATOM   143 C  C6    . DG A 1 7  ? 6.33080   4.86047   -0.79087  1.000 91.79581  ? 7   DG A C6    1 
ATOM   144 O  O6    . DG A 1 7  ? 6.32224   3.96591   -1.68340  1.000 84.45814  ? 7   DG A O6    1 
ATOM   145 N  N1    . DG A 1 7  ? 6.19679   6.20257   -1.13007  1.000 89.30678  ? 7   DG A N1    1 
ATOM   146 C  C2    . DG A 1 7  ? 6.17581   7.24633   -0.22372  1.000 91.77488  ? 7   DG A C2    1 
ATOM   147 N  N2    . DG A 1 7  ? 6.03680   8.47876   -0.73574  1.000 93.98540  ? 7   DG A N2    1 
ATOM   148 N  N3    . DG A 1 7  ? 6.28602   7.09758   1.08940   1.000 88.90717  ? 7   DG A N3    1 
ATOM   149 C  C4    . DG A 1 7  ? 6.42361   5.80567   1.43553   1.000 85.28805  ? 7   DG A C4    1 
ATOM   150 P  P     . DC A 1 8  ? 2.06716   6.18265   5.71294   1.000 89.23012  ? 8   DC A P     1 
ATOM   151 O  OP1   . DC A 1 8  ? 1.38643   6.07513   7.02043   1.000 96.39013  ? 8   DC A OP1   1 
ATOM   152 O  OP2   . DC A 1 8  ? 1.99561   5.02590   4.80665   1.000 96.62711  ? 8   DC A OP2   1 
ATOM   153 O  "O5'" . DC A 1 8  ? 1.58254   7.49648   4.92972   1.000 90.53128  ? 8   DC A "O5'" 1 
ATOM   154 C  "C5'" . DC A 1 8  ? 2.17429   8.76121   5.24652   1.000 91.20602  ? 8   DC A "C5'" 1 
ATOM   155 C  "C4'" . DC A 1 8  ? 2.17647   9.68637   4.04522   1.000 91.51019  ? 8   DC A "C4'" 1 
ATOM   156 O  "O4'" . DC A 1 8  ? 3.25852   9.32567   3.15359   1.000 89.02109  ? 8   DC A "O4'" 1 
ATOM   157 C  "C3'" . DC A 1 8  ? 0.94457   9.60503   3.16133   1.000 95.97461  ? 8   DC A "C3'" 1 
ATOM   158 O  "O3'" . DC A 1 8  ? -0.11353  10.35948  3.69398   1.000 100.26317 ? 8   DC A "O3'" 1 
ATOM   159 C  "C2'" . DC A 1 8  ? 1.46829   10.21093  1.87244   1.000 92.19771  ? 8   DC A "C2'" 1 
ATOM   160 C  "C1'" . DC A 1 8  ? 2.84722   9.56998   1.80567   1.000 92.96321  ? 8   DC A "C1'" 1 
ATOM   161 N  N1    . DC A 1 8  ? 2.84946   8.29030   1.02222   1.000 91.11503  ? 8   DC A N1    1 
ATOM   162 C  C2    . DC A 1 8  ? 2.85156   8.36124   -0.36381  1.000 96.54684  ? 8   DC A C2    1 
ATOM   163 O  O2    . DC A 1 8  ? 2.86858   9.48096   -0.90014  1.000 97.02309  ? 8   DC A O2    1 
ATOM   164 N  N3    . DC A 1 8  ? 2.83869   7.20858   -1.08714  1.000 95.76432  ? 8   DC A N3    1 
ATOM   165 C  C4    . DC A 1 8  ? 2.83295   6.03602   -0.46759  1.000 89.88523  ? 8   DC A C4    1 
ATOM   166 N  N4    . DC A 1 8  ? 2.84612   4.93971   -1.21939  1.000 88.11621  ? 8   DC A N4    1 
ATOM   167 C  C5    . DC A 1 8  ? 2.82218   5.93965   0.95160   1.000 90.46382  ? 8   DC A C5    1 
ATOM   168 C  C6    . DC A 1 8  ? 2.82882   7.08342   1.65267   1.000 90.90996  ? 8   DC A C6    1 
ATOM   169 P  P     . DA A 1 9  ? -1.62920  9.98692   3.29075   1.000 111.49386 ? 9   DA A P     1 
ATOM   170 O  OP1   . DA A 1 9  ? -2.49806  10.85053  4.12782   1.000 107.57106 ? 9   DA A OP1   1 
ATOM   171 O  OP2   . DA A 1 9  ? -1.79933  8.50833   3.34057   1.000 101.56289 ? 9   DA A OP2   1 
ATOM   172 O  "O5'" . DA A 1 9  ? -1.74558  10.46750  1.76438   1.000 104.55233 ? 9   DA A "O5'" 1 
ATOM   173 C  "C5'" . DA A 1 9  ? -1.60618  11.84755  1.44787   1.000 97.43631  ? 9   DA A "C5'" 1 
ATOM   174 C  "C4'" . DA A 1 9  ? -1.81194  12.08389  -0.03119  1.000 99.26705  ? 9   DA A "C4'" 1 
ATOM   175 O  "O4'" . DA A 1 9  ? -0.68686  11.54575  -0.76871  1.000 96.77250  ? 9   DA A "O4'" 1 
ATOM   176 C  "C3'" . DA A 1 9  ? -3.03299  11.40364  -0.61846  1.000 100.30603 ? 9   DA A "C3'" 1 
ATOM   177 O  "O3'" . DA A 1 9  ? -4.15924  12.23892  -0.48245  1.000 100.09475 ? 9   DA A "O3'" 1 
ATOM   178 C  "C2'" . DA A 1 9  ? -2.62520  11.23917  -2.07174  1.000 100.27227 ? 9   DA A "C2'" 1 
ATOM   179 C  "C1'" . DA A 1 9  ? -1.15089  10.88046  -1.92826  1.000 98.85120  ? 9   DA A "C1'" 1 
ATOM   180 N  N9    . DA A 1 9  ? -0.90906  9.45389   -1.75229  1.000 101.15907 ? 9   DA A N9    1 
ATOM   181 C  C8    . DA A 1 9  ? -0.96966  8.74738   -0.58168  1.000 101.61111 ? 9   DA A C8    1 
ATOM   182 N  N7    . DA A 1 9  ? -0.68663  7.47102   -0.71573  1.000 103.05476 ? 9   DA A N7    1 
ATOM   183 C  C5    . DA A 1 9  ? -0.41455  7.33001   -2.06679  1.000 101.26784 ? 9   DA A C5    1 
ATOM   184 C  C6    . DA A 1 9  ? -0.04717  6.21846   -2.84607  1.000 102.71937 ? 9   DA A C6    1 
ATOM   185 N  N6    . DA A 1 9  ? 0.10286   4.99068   -2.34503  1.000 102.41187 ? 9   DA A N6    1 
ATOM   186 N  N1    . DA A 1 9  ? 0.15065   6.41440   -4.16431  1.000 105.59954 ? 9   DA A N1    1 
ATOM   187 C  C2    . DA A 1 9  ? -0.01475  7.64373   -4.66099  1.000 105.78505 ? 9   DA A C2    1 
ATOM   188 N  N3    . DA A 1 9  ? -0.35036  8.76974   -4.02744  1.000 101.66674 ? 9   DA A N3    1 
ATOM   189 C  C4    . DA A 1 9  ? -0.54422  8.54097   -2.72171  1.000 102.71889 ? 9   DA A C4    1 
ATOM   190 P  P     . DC A 1 10 ? -5.61411  11.59595  -0.23897  1.000 120.52549 ? 10  DC A P     1 
ATOM   191 O  OP1   . DC A 1 10 ? -6.55866  12.70900  0.00026   1.000 124.03473 ? 10  DC A OP1   1 
ATOM   192 O  OP2   . DC A 1 10 ? -5.51486  10.53816  0.79657   1.000 114.20751 ? 10  DC A OP2   1 
ATOM   193 O  "O5'" . DC A 1 10 ? -5.96341  10.93407  -1.66014  1.000 115.19386 ? 10  DC A "O5'" 1 
ATOM   194 C  "C5'" . DC A 1 10 ? -6.04728  11.76805  -2.82243  1.000 114.42572 ? 10  DC A "C5'" 1 
ATOM   195 C  "C4'" . DC A 1 10 ? -5.90373  10.96908  -4.11321  1.000 112.89356 ? 10  DC A "C4'" 1 
ATOM   196 O  "O4'" . DC A 1 10 ? -4.58904  10.35564  -4.17984  1.000 108.42962 ? 10  DC A "O4'" 1 
ATOM   197 C  "C3'" . DC A 1 10 ? -6.87086  9.81419   -4.28853  1.000 111.19822 ? 10  DC A "C3'" 1 
ATOM   198 O  "O3'" . DC A 1 10 ? -8.13428  10.28666  -4.76333  1.000 114.01907 ? 10  DC A "O3'" 1 
ATOM   199 C  "C2'" . DC A 1 10 ? -6.13609  8.98266   -5.34050  1.000 112.82614 ? 10  DC A "C2'" 1 
ATOM   200 C  "C1'" . DC A 1 10 ? -4.67756  9.11907   -4.87381  1.000 109.31687 ? 10  DC A "C1'" 1 
ATOM   201 N  N1    . DC A 1 10 ? -4.24867  8.02685   -3.93786  1.000 110.86786 ? 10  DC A N1    1 
ATOM   202 C  C2    . DC A 1 10 ? -3.84020  6.78308   -4.45132  1.000 111.50437 ? 10  DC A C2    1 
ATOM   203 O  O2    . DC A 1 10 ? -3.82958  6.60921   -5.68168  1.000 116.06703 ? 10  DC A O2    1 
ATOM   204 N  N3    . DC A 1 10 ? -3.46557  5.80158   -3.57801  1.000 108.97075 ? 10  DC A N3    1 
ATOM   205 C  C4    . DC A 1 10 ? -3.49748  6.03329   -2.25472  1.000 106.83011 ? 10  DC A C4    1 
ATOM   206 N  N4    . DC A 1 10 ? -3.12070  5.04729   -1.43379  1.000 101.88265 ? 10  DC A N4    1 
ATOM   207 C  C5    . DC A 1 10 ? -3.91478  7.29087   -1.71863  1.000 106.01959 ? 10  DC A C5    1 
ATOM   208 C  C6    . DC A 1 10 ? -4.27536  8.24662   -2.58374  1.000 107.60708 ? 10  DC A C6    1 
ATOM   209 P  P     . DG A 1 11 ? -9.49183  9.94019   -3.96048  1.000 123.72975 ? 11  DG A P     1 
ATOM   210 O  OP1   . DG A 1 11 ? -10.63099 10.56353  -4.66954  1.000 122.57228 ? 11  DG A OP1   1 
ATOM   211 O  OP2   . DG A 1 11 ? -9.26128  10.26785  -2.53502  1.000 110.67959 ? 11  DG A OP2   1 
ATOM   212 O  "O5'" . DG A 1 11 ? -9.64376  8.35033   -4.11399  1.000 116.12061 ? 11  DG A "O5'" 1 
ATOM   213 C  "C5'" . DG A 1 11 ? -10.81684 7.79930   -4.65190  1.000 110.09350 ? 11  DG A "C5'" 1 
ATOM   214 C  "C4'" . DG A 1 11 ? -10.47587 6.78408   -5.72010  1.000 110.43115 ? 11  DG A "C4'" 1 
ATOM   215 O  "O4'" . DG A 1 11 ? -9.03823  6.69701   -5.87630  1.000 107.44234 ? 11  DG A "O4'" 1 
ATOM   216 C  "C3'" . DG A 1 11 ? -10.91201 5.37052   -5.41177  1.000 111.94131 ? 11  DG A "C3'" 1 
ATOM   217 O  "O3'" . DG A 1 11 ? -12.25527 5.18250   -5.81009  1.000 116.87630 ? 11  DG A "O3'" 1 
ATOM   218 C  "C2'" . DG A 1 11 ? -9.95930  4.56001   -6.27913  1.000 109.23049 ? 11  DG A "C2'" 1 
ATOM   219 C  "C1'" . DG A 1 11 ? -8.66872  5.34309   -6.11574  1.000 105.20493 ? 11  DG A "C1'" 1 
ATOM   220 N  N9    . DG A 1 11 ? -7.82260  4.88094   -5.00989  1.000 104.36603 ? 11  DG A N9    1 
ATOM   221 C  C8    . DG A 1 11 ? -7.73733  5.42120   -3.75113  1.000 108.83863 ? 11  DG A C8    1 
ATOM   222 N  N7    . DG A 1 11 ? -6.86951  4.81960   -2.97354  1.000 104.55871 ? 11  DG A N7    1 
ATOM   223 C  C5    . DG A 1 11 ? -6.34076  3.81906   -3.76381  1.000 102.57082 ? 11  DG A C5    1 
ATOM   224 C  C6    . DG A 1 11 ? -5.35182  2.84544   -3.46111  1.000 102.77615 ? 11  DG A C6    1 
ATOM   225 O  O6    . DG A 1 11 ? -4.73349  2.67446   -2.39101  1.000 98.62315  ? 11  DG A O6    1 
ATOM   226 N  N1    . DG A 1 11 ? -5.11445  2.00674   -4.55198  1.000 104.74702 ? 11  DG A N1    1 
ATOM   227 C  C2    . DG A 1 11 ? -5.75540  2.10493   -5.78014  1.000 104.12372 ? 11  DG A C2    1 
ATOM   228 N  N2    . DG A 1 11 ? -5.39267  1.21532   -6.71619  1.000 101.31497 ? 11  DG A N2    1 
ATOM   229 N  N3    . DG A 1 11 ? -6.66963  3.02290   -6.07484  1.000 103.53673 ? 11  DG A N3    1 
ATOM   230 C  C4    . DG A 1 11 ? -6.91628  3.83981   -5.02708  1.000 103.97104 ? 11  DG A C4    1 
ATOM   231 P  P     . DC A 1 12 ? -13.15101 4.03562   -5.12295  1.000 118.00342 ? 12  DC A P     1 
ATOM   232 O  OP1   . DC A 1 12 ? -14.39919 4.01993   -5.91324  1.000 115.50936 ? 12  DC A OP1   1 
ATOM   233 O  OP2   . DC A 1 12 ? -13.17516 4.22992   -3.64892  1.000 119.12149 ? 12  DC A OP2   1 
ATOM   234 O  "O5'" . DC A 1 12 ? -12.36697 2.68233   -5.41997  1.000 107.12729 ? 12  DC A "O5'" 1 
ATOM   235 C  "C5'" . DC A 1 12 ? -12.41850 2.12518   -6.70933  1.000 108.00950 ? 12  DC A "C5'" 1 
ATOM   236 C  "C4'" . DC A 1 12 ? -11.51317 0.91995   -6.80225  1.000 107.02171 ? 12  DC A "C4'" 1 
ATOM   237 O  "O4'" . DC A 1 12 ? -10.15187 1.31035   -6.50603  1.000 106.84512 ? 12  DC A "O4'" 1 
ATOM   238 C  "C3'" . DC A 1 12 ? -11.79276 -0.18652  -5.80063  1.000 106.75037 ? 12  DC A "C3'" 1 
ATOM   239 O  "O3'" . DC A 1 12 ? -12.89388 -0.98310  -6.22844  1.000 107.38115 ? 12  DC A "O3'" 1 
ATOM   240 C  "C2'" . DC A 1 12 ? -10.47910 -0.96031  -5.86652  1.000 104.72262 ? 12  DC A "C2'" 1 
ATOM   241 C  "C1'" . DC A 1 12 ? -9.45658  0.18055   -5.99479  1.000 106.58518 ? 12  DC A "C1'" 1 
ATOM   242 N  N1    . DC A 1 12 ? -8.82184  0.53866   -4.68990  1.000 104.03402 ? 12  DC A N1    1 
ATOM   243 C  C2    . DC A 1 12 ? -7.67439  -0.15558  -4.28359  1.000 102.55940 ? 12  DC A C2    1 
ATOM   244 O  O2    . DC A 1 12 ? -7.20719  -1.03733  -5.03420  1.000 97.29038  ? 12  DC A O2    1 
ATOM   245 N  N3    . DC A 1 12 ? -7.09677  0.16421   -3.08633  1.000 101.81803 ? 12  DC A N3    1 
ATOM   246 C  C4    . DC A 1 12 ? -7.63744  1.11274   -2.31357  1.000 98.56934  ? 12  DC A C4    1 
ATOM   247 N  N4    . DC A 1 12 ? -7.04241  1.37665   -1.14730  1.000 84.70987  ? 12  DC A N4    1 
ATOM   248 C  C5    . DC A 1 12 ? -8.82163  1.82313   -2.70776  1.000 101.44236 ? 12  DC A C5    1 
ATOM   249 C  C6    . DC A 1 12 ? -9.37549  1.50457   -3.89251  1.000 100.68644 ? 12  DC A C6    1 
ATOM   250 P  P     . DC A 1 13 ? -13.85121 -1.70127  -5.14939  1.000 111.89886 ? 13  DC A P     1 
ATOM   251 O  OP1   . DC A 1 13 ? -15.07992 -2.08256  -5.87771  1.000 110.50837 ? 13  DC A OP1   1 
ATOM   252 O  OP2   . DC A 1 13 ? -13.93648 -0.86675  -3.92677  1.000 105.53837 ? 13  DC A OP2   1 
ATOM   253 O  "O5'" . DC A 1 13 ? -13.06787 -3.04057  -4.76459  1.000 102.34622 ? 13  DC A "O5'" 1 
ATOM   254 C  "C5'" . DC A 1 13 ? -12.52741 -3.86006  -5.78590  1.000 96.80273  ? 13  DC A "C5'" 1 
ATOM   255 C  "C4'" . DC A 1 13 ? -11.50367 -4.80867  -5.20793  1.000 93.83310  ? 13  DC A "C4'" 1 
ATOM   256 O  "O4'" . DC A 1 13 ? -10.29496 -4.08609  -4.89465  1.000 96.18589  ? 13  DC A "O4'" 1 
ATOM   257 C  "C3'" . DC A 1 13 ? -11.90032 -5.44484  -3.88971  1.000 92.25682  ? 13  DC A "C3'" 1 
ATOM   258 O  "O3'" . DC A 1 13 ? -12.75417 -6.55045  -4.13096  1.000 81.55018  ? 13  DC A "O3'" 1 
ATOM   259 C  "C2'" . DC A 1 13 ? -10.53859 -5.88065  -3.35982  1.000 91.36606  ? 13  DC A "C2'" 1 
ATOM   260 C  "C1'" . DC A 1 13 ? -9.63851  -4.73296  -3.82093  1.000 92.24710  ? 13  DC A "C1'" 1 
ATOM   261 N  N1    . DC A 1 13 ? -9.37066  -3.73369  -2.76619  1.000 94.56060  ? 13  DC A N1    1 
ATOM   262 C  C2    . DC A 1 13 ? -8.45167  -4.03695  -1.74739  1.000 92.84722  ? 13  DC A C2    1 
ATOM   263 O  O2    . DC A 1 13 ? -7.89641  -5.14795  -1.73716  1.000 90.69946  ? 13  DC A O2    1 
ATOM   264 N  N3    . DC A 1 13 ? -8.20102  -3.10744  -0.79278  1.000 96.31042  ? 13  DC A N3    1 
ATOM   265 C  C4    . DC A 1 13 ? -8.80773  -1.92740  -0.83211  1.000 91.45731  ? 13  DC A C4    1 
ATOM   266 N  N4    . DC A 1 13 ? -8.52794  -1.06813  0.13960   1.000 83.91572  ? 13  DC A N4    1 
ATOM   267 C  C5    . DC A 1 13 ? -9.74437  -1.59189  -1.86070  1.000 96.16154  ? 13  DC A C5    1 
ATOM   268 C  C6    . DC A 1 13 ? -9.99729  -2.51963  -2.79948  1.000 97.68009  ? 13  DC A C6    1 
ATOM   269 P  P     . DC A 1 14 ? -13.47028 -7.32511  -2.92515  1.000 84.05826  ? 14  DC A P     1 
ATOM   270 O  OP1   . DC A 1 14 ? -14.16352 -8.45232  -3.60597  1.000 97.33530  ? 14  DC A OP1   1 
ATOM   271 O  OP2   . DC A 1 14 ? -14.22707 -6.41517  -2.01556  1.000 78.43344  ? 14  DC A OP2   1 
ATOM   272 O  "O5'" . DC A 1 14 ? -12.27002 -7.95783  -2.08895  1.000 83.03407  ? 14  DC A "O5'" 1 
ATOM   273 C  "C5'" . DC A 1 14 ? -11.66406 -9.15378  -2.49563  1.000 74.78278  ? 14  DC A "C5'" 1 
ATOM   274 C  "C4'" . DC A 1 14 ? -10.81894 -9.68163  -1.37287  1.000 74.17601  ? 14  DC A "C4'" 1 
ATOM   275 O  "O4'" . DC A 1 14 ? -9.73155  -8.75576  -1.14440  1.000 88.36850  ? 14  DC A "O4'" 1 
ATOM   276 C  "C3'" . DC A 1 14 ? -11.53233 -9.75395  -0.03304  1.000 78.17944  ? 14  DC A "C3'" 1 
ATOM   277 O  "O3'" . DC A 1 14 ? -12.20423 -10.98970 0.10599   1.000 75.14514  ? 14  DC A "O3'" 1 
ATOM   278 C  "C2'" . DC A 1 14 ? -10.37166 -9.65249  0.95001   1.000 73.76287  ? 14  DC A "C2'" 1 
ATOM   279 C  "C1'" . DC A 1 14 ? -9.44290  -8.68700  0.24981   1.000 83.85028  ? 14  DC A "C1'" 1 
ATOM   280 N  N1    . DC A 1 14 ? -9.59230  -7.29430  0.73062   1.000 78.50533  ? 14  DC A N1    1 
ATOM   281 C  C2    . DC A 1 14 ? -8.96832  -6.92408  1.92333   1.000 80.06433  ? 14  DC A C2    1 
ATOM   282 O  O2    . DC A 1 14 ? -8.30253  -7.76203  2.53251   1.000 75.43432  ? 14  DC A O2    1 
ATOM   283 N  N3    . DC A 1 14 ? -9.09737  -5.65286  2.37287   1.000 84.49180  ? 14  DC A N3    1 
ATOM   284 C  C4    . DC A 1 14 ? -9.82346  -4.77661  1.68251   1.000 87.29026  ? 14  DC A C4    1 
ATOM   285 N  N4    . DC A 1 14 ? -9.92216  -3.52311  2.16635   1.000 87.92865  ? 14  DC A N4    1 
ATOM   286 C  C5    . DC A 1 14 ? -10.49520 -5.14866  0.47363   1.000 88.70663  ? 14  DC A C5    1 
ATOM   287 C  C6    . DC A 1 14 ? -10.35376 -6.40916  0.04082   1.000 78.99827  ? 14  DC A C6    1 
ATOM   288 P  P     . DC A 1 15 ? -13.46719 -11.12497 1.08989   1.000 84.84621  ? 15  DC A P     1 
ATOM   289 O  OP1   . DC A 1 15 ? -14.18812 -12.37309 0.68817   1.000 88.97948  ? 15  DC A OP1   1 
ATOM   290 O  OP2   . DC A 1 15 ? -14.17066 -9.81716  1.14380   1.000 82.48565  ? 15  DC A OP2   1 
ATOM   291 O  "O5'" . DC A 1 15 ? -12.84565 -11.29982 2.54880   1.000 67.40338  ? 15  DC A "O5'" 1 
ATOM   292 C  "C5'" . DC A 1 15 ? -11.67638 -12.03367 2.75104   1.000 67.27686  ? 15  DC A "C5'" 1 
ATOM   293 C  "C4'" . DC A 1 15 ? -11.05419 -11.59091 4.04726   1.000 77.52341  ? 15  DC A "C4'" 1 
ATOM   294 O  "O4'" . DC A 1 15 ? -10.43720 -10.29702 3.90097   1.000 73.36655  ? 15  DC A "O4'" 1 
ATOM   295 C  "C3'" . DC A 1 15 ? -12.05939 -11.37447 5.13139   1.000 73.27160  ? 15  DC A "C3'" 1 
ATOM   296 O  "O3'" . DC A 1 15 ? -12.36240 -12.58131 5.68928   1.000 75.04613  ? 15  DC A "O3'" 1 
ATOM   297 C  "C2'" . DC A 1 15 ? -11.30794 -10.47810 6.10371   1.000 70.72703  ? 15  DC A "C2'" 1 
ATOM   298 C  "C1'" . DC A 1 15 ? -10.50777 -9.61050  5.14323   1.000 74.25517  ? 15  DC A "C1'" 1 
ATOM   299 N  N1    . DC A 1 15 ? -11.11703 -8.29010  4.89069   1.000 79.80862  ? 15  DC A N1    1 
ATOM   300 C  C2    . DC A 1 15 ? -11.00290 -7.28391  5.85276   1.000 73.56980  ? 15  DC A C2    1 
ATOM   301 O  O2    . DC A 1 15 ? -10.43306 -7.53437  6.92248   1.000 72.96765  ? 15  DC A O2    1 
ATOM   302 N  N3    . DC A 1 15 ? -11.55095 -6.06778  5.60195   1.000 74.80802  ? 15  DC A N3    1 
ATOM   303 C  C4    . DC A 1 15 ? -12.16834 -5.83868  4.44651   1.000 75.11710  ? 15  DC A C4    1 
ATOM   304 N  N4    . DC A 1 15 ? -12.69089 -4.62566  4.25858   1.000 76.38498  ? 15  DC A N4    1 
ATOM   305 C  C5    . DC A 1 15 ? -12.29708 -6.85172  3.44102   1.000 81.99621  ? 15  DC A C5    1 
ATOM   306 C  C6    . DC A 1 15 ? -11.76516 -8.05633  3.70251   1.000 79.87302  ? 15  DC A C6    1 
ATOM   307 P  P     . DA A 1 16 ? -13.67743 -12.68060 6.57732   1.000 84.68867  ? 16  DA A P     1 
ATOM   308 O  OP1   . DA A 1 16 ? -13.92110 -14.11624 6.86144   1.000 82.45691  ? 16  DA A OP1   1 
ATOM   309 O  OP2   . DA A 1 16 ? -14.65420 -11.77011 5.93085   1.000 89.37258  ? 16  DA A OP2   1 
ATOM   310 O  "O5'" . DA A 1 16 ? -13.30053 -11.90278 7.90199   1.000 76.72627  ? 16  DA A "O5'" 1 
ATOM   311 C  "C5'" . DA A 1 16 ? -14.29055 -11.35804 8.65522   1.000 74.21321  ? 16  DA A "C5'" 1 
ATOM   312 C  "C4'" . DA A 1 16 ? -13.66375 -10.45321 9.65159   1.000 80.75537  ? 16  DA A "C4'" 1 
ATOM   313 O  "O4'" . DA A 1 16 ? -12.92609 -9.44512  8.94967   1.000 73.43948  ? 16  DA A "O4'" 1 
ATOM   314 C  "C3'" . DA A 1 16 ? -14.64722 -9.72254  10.50697  1.000 82.12460  ? 16  DA A "C3'" 1 
ATOM   315 O  "O3'" . DA A 1 16 ? -14.86366 -10.49062 11.61872  1.000 84.15215  ? 16  DA A "O3'" 1 
ATOM   316 C  "C2'" . DA A 1 16 ? -13.91095 -8.42356  10.84848  1.000 74.76040  ? 16  DA A "C2'" 1 
ATOM   317 C  "C1'" . DA A 1 16 ? -13.04142 -8.21726  9.61678   1.000 71.78999  ? 16  DA A "C1'" 1 
ATOM   318 N  N9    . DA A 1 16 ? -13.52904 -7.24743  8.65174   1.000 73.62964  ? 16  DA A N9    1 
ATOM   319 C  C8    . DA A 1 16 ? -13.98575 -7.51525  7.39888   1.000 71.32654  ? 16  DA A C8    1 
ATOM   320 N  N7    . DA A 1 16 ? -14.31149 -6.44744  6.70685   1.000 74.25692  ? 16  DA A N7    1 
ATOM   321 C  C5    . DA A 1 16 ? -13.97452 -5.38823  7.55439   1.000 78.34378  ? 16  DA A C5    1 
ATOM   322 C  C6    . DA A 1 16 ? -14.07940 -3.98627  7.41577   1.000 76.94658  ? 16  DA A C6    1 
ATOM   323 N  N6    . DA A 1 16 ? -14.55087 -3.38239  6.30026   1.000 75.21467  ? 16  DA A N6    1 
ATOM   324 N  N1    . DA A 1 16 ? -13.68093 -3.22536  8.46180   1.000 73.87864  ? 16  DA A N1    1 
ATOM   325 C  C2    . DA A 1 16 ? -13.22137 -3.83524  9.56409   1.000 74.68048  ? 16  DA A C2    1 
ATOM   326 N  N3    . DA A 1 16 ? -13.07699 -5.13862  9.80133   1.000 69.66878  ? 16  DA A N3    1 
ATOM   327 C  C4    . DA A 1 16 ? -13.47924 -5.86333  8.75282   1.000 74.04481  ? 16  DA A C4    1 
ATOM   328 P  P     . DC A 1 17 ? -16.21690 -10.31877 12.42657  1.000 87.71799  ? 17  DC A P     1 
ATOM   329 O  OP1   . DC A 1 17 ? -16.23050 -11.29544 13.54387  1.000 93.49231  ? 17  DC A OP1   1 
ATOM   330 O  OP2   . DC A 1 17 ? -17.28310 -10.19720 11.40855  1.000 90.27654  ? 17  DC A OP2   1 
ATOM   331 O  "O5'" . DC A 1 17 ? -16.05242 -8.92539  13.10200  1.000 84.34365  ? 17  DC A "O5'" 1 
ATOM   332 C  "C5'" . DC A 1 17 ? -15.20054 -8.80170  14.14841  1.000 86.34522  ? 17  DC A "C5'" 1 
ATOM   333 C  "C4'" . DC A 1 17 ? -15.13527 -7.36397  14.49686  1.000 89.07000  ? 17  DC A "C4'" 1 
ATOM   334 O  "O4'" . DC A 1 17 ? -14.68351 -6.64913  13.34051  1.000 89.15949  ? 17  DC A "O4'" 1 
ATOM   335 C  "C3'" . DC A 1 17 ? -16.48413 -6.75615  14.75311  1.000 90.31879  ? 17  DC A "C3'" 1 
ATOM   336 O  "O3'" . DC A 1 17 ? -16.89543 -7.04777  16.06198  1.000 90.26991  ? 17  DC A "O3'" 1 
ATOM   337 C  "C2'" . DC A 1 17 ? -16.17077 -5.27788  14.56226  1.000 88.14960  ? 17  DC A "C2'" 1 
ATOM   338 C  "C1'" . DC A 1 17 ? -15.20096 -5.33635  13.38928  1.000 85.51247  ? 17  DC A "C1'" 1 
ATOM   339 N  N1    . DC A 1 17 ? -15.81258 -5.04529  12.08291  1.000 80.39751  ? 17  DC A N1    1 
ATOM   340 C  C2    . DC A 1 17 ? -15.90178 -3.72444  11.67242  1.000 74.73184  ? 17  DC A C2    1 
ATOM   341 O  O2    . DC A 1 17 ? -15.50566 -2.84483  12.43727  1.000 76.81294  ? 17  DC A O2    1 
ATOM   342 N  N3    . DC A 1 17 ? -16.42928 -3.44268  10.46033  1.000 73.49069  ? 17  DC A N3    1 
ATOM   343 C  C4    . DC A 1 17 ? -16.83439 -4.43447  9.66472   1.000 72.75324  ? 17  DC A C4    1 
ATOM   344 N  N4    . DC A 1 17 ? -17.32836 -4.10374  8.47242   1.000 72.66644  ? 17  DC A N4    1 
ATOM   345 C  C5    . DC A 1 17 ? -16.73799 -5.80240  10.05933  1.000 70.42247  ? 17  DC A C5    1 
ATOM   346 C  C6    . DC A 1 17 ? -16.22005 -6.05882  11.27210  1.000 76.11420  ? 17  DC A C6    1 
ATOM   347 P  P     . DC A 1 18 ? -18.42006 -6.79185  16.48551  1.000 102.21567 ? 18  DC A P     1 
ATOM   348 O  OP1   . DC A 1 18 ? -18.47318 -7.07619  17.94930  1.000 96.87119  ? 18  DC A OP1   1 
ATOM   349 O  OP2   . DC A 1 18 ? -19.30408 -7.47350  15.48328  1.000 83.73979  ? 18  DC A OP2   1 
ATOM   350 O  "O5'" . DC A 1 18 ? -18.61632 -5.20195  16.29918  1.000 87.22480  ? 18  DC A "O5'" 1 
ATOM   351 C  "C5'" . DC A 1 18 ? -18.21208 -4.31057  17.31803  1.000 88.51008  ? 18  DC A "C5'" 1 
ATOM   352 C  "C4'" . DC A 1 18 ? -18.78903 -2.93589  17.04876  1.000 89.95297  ? 18  DC A "C4'" 1 
ATOM   353 O  "O4'" . DC A 1 18 ? -18.11841 -2.33686  15.90265  1.000 82.69361  ? 18  DC A "O4'" 1 
ATOM   354 C  "C3'" . DC A 1 18 ? -20.25035 -2.93891  16.63522  1.000 88.38147  ? 18  DC A "C3'" 1 
ATOM   355 O  "O3'" . DC A 1 18 ? -21.11501 -3.07190  17.76804  1.000 91.21504  ? 18  DC A "O3'" 1 
ATOM   356 C  "C2'" . DC A 1 18 ? -20.34235 -1.56461  15.97997  1.000 82.96744  ? 18  DC A "C2'" 1 
ATOM   357 C  "C1'" . DC A 1 18 ? -19.06362 -1.57517  15.15443  1.000 71.95988  ? 18  DC A "C1'" 1 
ATOM   358 N  N1    . DC A 1 18 ? -19.25885 -2.16914  13.79407  1.000 74.00971  ? 18  DC A N1    1 
ATOM   359 C  C2    . DC A 1 18 ? -19.49452 -1.31596  12.69987  1.000 73.06269  ? 18  DC A C2    1 
ATOM   360 O  O2    . DC A 1 18 ? -19.51696 -0.09563  12.86628  1.000 76.24572  ? 18  DC A O2    1 
ATOM   361 N  N3    . DC A 1 18 ? -19.70217 -1.84767  11.48569  1.000 76.58137  ? 18  DC A N3    1 
ATOM   362 C  C4    . DC A 1 18 ? -19.70844 -3.16105  11.32090  1.000 74.12745  ? 18  DC A C4    1 
ATOM   363 N  N4    . DC A 1 18 ? -19.92007 -3.61508  10.08017  1.000 66.92417  ? 18  DC A N4    1 
ATOM   364 C  C5    . DC A 1 18 ? -19.48362 -4.05922  12.41110  1.000 73.75330  ? 18  DC A C5    1 
ATOM   365 C  C6    . DC A 1 18 ? -19.27003 -3.52820  13.62134  1.000 75.07128  ? 18  DC A C6    1 
HETATM 366 SR SR    . SR B 2 .  ? -4.50106  0.55675   2.76516   1.000 123.28170 ? 101 SR A SR    1 
# 
